data_3DDG
#
_entry.id   3DDG
#
_cell.length_a   69.189
_cell.length_b   110.083
_cell.length_c   138.960
_cell.angle_alpha   90.000
_cell.angle_beta   90.000
_cell.angle_gamma   90.000
#
_symmetry.space_group_name_H-M   'P 21 21 21'
#
loop_
_entity.id
_entity.type
_entity.pdbx_description
1 polymer 'alpha-mannosidase 2'
2 non-polymer 2-acetamido-2-deoxy-beta-D-glucopyranose
3 non-polymer 'PHOSPHATE ION'
4 non-polymer 'ZINC ION'
5 non-polymer (4R)-2-METHYLPENTANE-2,4-DIOL
6 non-polymer (3R,4R,5R)-3,4-dihydroxy-5-({[(1R)-2-hydroxy-1-phenylethyl]amino}methyl)-1-methylpyrrolidin-2-one
7 water water
#
_entity_poly.entity_id   1
_entity_poly.type   'polypeptide(L)'
_entity_poly.pdbx_seq_one_letter_code
;RSSHHHHHHGEFDDPIRPPLKVARSPRPGQCQDVVQDVPNVDVQMLELYDRMSFKDIDGGVWKQGWNIKYDPLKYNAHHK
LKVFVVPHSHNDPGWIQTFEEYYQHDTKHILSNALRHLHDNPEMKFIWAEISYFARFYHDLGENKKLQMKSIVKNGQLEF
VTGGWVMPDEANSHWRNVLLQLTEGQTWLKQFMNVTPTASWAIDPFGHSPTMPYILQKSGFKNMLIQRTHYSVKKELAQQ
RQLEFLWRQIWDNKGDTALFTHMMPFYSYDIPHTCGPDPKVCCQFDFKRMGSFGLSCPWKVPPRTISDQNVAARSDLLVD
QWKKKAELYRTNVLLIPLGDDFRFKQNTEWDVQRVNYERLFEHINSQAHFNVQAQFGTLQEYFDAVHQAERAGQAEFPTL
SGDFFTYADRSDNYWSGYYTSRPYHKRMDRVLMHYVRAAEMLSAWHSWDGMARIEERLEQARRELSLFQHHDGITGTAKT
HVVVDYEQRMQEALKACQMVMQQSVYRLLTKPSIYSPDFSFSYFTLDDSRWPGSGVEDSRTTIILGEDILPSKHVVMHNT
LPHWREQLVDFYVSSPFVSVTDLANNPVEAQVSPVWSWHHDTLTKTIHPQGSTTKYRIIFKARVPPMGLATYVLTISDSK
PEHTSYASNLLLRKNPTSLPLGQYPEDVKFGDPREISLRVGNGPTLAFSEQGLLKSIQLTQDSPHVPVHFKFLKYGVRSH
GDRSGAYLFLPNGPASPVELGQPVVLVTKGKLESSVSVGLPSVVHQTIMRGGAPEIRNLVDIGSLDNTEIVMRLETHIDS
GDIFYTDLNGLQFIKRRRLDKLPLQANYYPIPSGMFIEDANTRLTLLTGQPLGGSSLASGELEIMQDRRLASDDERGLGQ
GVLDNKPVLHIYRLVLEKVNNCVRPSKLHPAGYLTSAAHKASQSLLDPLDKFIFAENEWIGAQGQFGGDHPSAREDLDVS
VMRRLTKSSAKTQRVGYVLHRTNLMQCGTPEEHTQKLDVCHLLPNVARCERTTLTFLQNLEHLDGMVAPEVCPMETAAYV
SSHSS
;
_entity_poly.pdbx_strand_id   A
#
loop_
_chem_comp.id
_chem_comp.type
_chem_comp.name
_chem_comp.formula
GB7 non-polymer (3R,4R,5R)-3,4-dihydroxy-5-({[(1R)-2-hydroxy-1-phenylethyl]amino}methyl)-1-methylpyrrolidin-2-one 'C14 H20 N2 O4'
MRD non-polymer (4R)-2-METHYLPENTANE-2,4-DIOL 'C6 H14 O2'
NAG D-saccharide, beta linking 2-acetamido-2-deoxy-beta-D-glucopyranose 'C8 H15 N O6'
PO4 non-polymer 'PHOSPHATE ION' 'O4 P -3'
ZN non-polymer 'ZINC ION' 'Zn 2'
#
# COMPACT_ATOMS: atom_id res chain seq x y z
N CYS A 31 13.69 -23.26 10.43
CA CYS A 31 13.29 -21.82 10.33
C CYS A 31 14.37 -20.94 10.91
N GLN A 32 14.75 -19.89 10.15
CA GLN A 32 15.65 -18.83 10.64
C GLN A 32 14.99 -18.10 11.80
N ASP A 33 15.78 -17.73 12.80
CA ASP A 33 15.28 -16.96 13.94
C ASP A 33 15.33 -15.47 13.52
N VAL A 34 14.18 -14.80 13.50
CA VAL A 34 14.15 -13.43 12.98
C VAL A 34 14.28 -12.41 14.09
N VAL A 35 14.49 -12.88 15.33
CA VAL A 35 14.60 -11.94 16.45
C VAL A 35 16.02 -11.83 17.03
N GLN A 36 16.69 -12.96 17.23
CA GLN A 36 17.88 -12.99 18.12
C GLN A 36 19.24 -12.89 17.44
N ASP A 37 19.27 -13.02 16.12
CA ASP A 37 20.51 -12.99 15.36
C ASP A 37 20.57 -11.72 14.50
N VAL A 38 21.38 -10.76 14.88
CA VAL A 38 21.53 -9.55 14.06
C VAL A 38 22.35 -9.85 12.77
N PRO A 39 21.75 -9.66 11.58
CA PRO A 39 22.49 -9.91 10.35
C PRO A 39 23.72 -9.09 10.22
N ASN A 40 24.75 -9.71 9.66
CA ASN A 40 26.00 -9.02 9.36
C ASN A 40 25.97 -8.57 7.89
N VAL A 41 25.82 -7.27 7.67
CA VAL A 41 25.78 -6.76 6.29
C VAL A 41 26.80 -5.65 6.09
N ASP A 42 27.23 -5.46 4.85
CA ASP A 42 28.19 -4.39 4.54
C ASP A 42 27.62 -3.00 4.73
N VAL A 43 26.35 -2.82 4.34
CA VAL A 43 25.70 -1.52 4.46
C VAL A 43 24.37 -1.75 5.16
N GLN A 44 24.19 -1.09 6.29
CA GLN A 44 22.91 -1.24 6.97
C GLN A 44 22.36 0.19 7.02
N MET A 45 21.17 0.43 6.45
CA MET A 45 20.82 1.80 6.19
C MET A 45 20.62 2.67 7.44
N LEU A 46 20.14 2.09 8.54
CA LEU A 46 19.96 2.90 9.77
C LEU A 46 21.38 3.27 10.30
N GLU A 47 22.31 2.33 10.19
CA GLU A 47 23.67 2.60 10.65
C GLU A 47 24.28 3.67 9.77
N LEU A 48 24.05 3.56 8.45
CA LEU A 48 24.59 4.53 7.52
C LEU A 48 24.01 5.91 7.82
N TYR A 49 22.72 5.97 8.08
CA TYR A 49 22.07 7.23 8.42
C TYR A 49 22.69 7.90 9.67
N ASP A 50 23.01 7.09 10.67
CA ASP A 50 23.56 7.62 11.93
C ASP A 50 24.91 8.32 11.68
N ARG A 51 25.69 7.76 10.74
CA ARG A 51 27.08 8.18 10.46
C ARG A 51 27.14 9.33 9.47
N MET A 52 26.19 9.44 8.52
CA MET A 52 26.35 10.41 7.44
C MET A 52 26.09 11.80 7.89
N SER A 53 26.76 12.77 7.25
CA SER A 53 26.60 14.19 7.59
CA SER A 53 26.53 14.17 7.65
C SER A 53 25.50 14.91 6.80
N PHE A 54 25.14 14.34 5.65
CA PHE A 54 24.08 14.85 4.78
C PHE A 54 24.38 16.28 4.29
N LYS A 55 25.65 16.62 4.10
CA LYS A 55 25.96 18.00 3.69
C LYS A 55 25.59 18.17 2.23
N ASP A 56 25.01 19.31 1.90
CA ASP A 56 24.51 19.55 0.57
C ASP A 56 25.43 20.56 -0.14
N ILE A 57 26.58 20.10 -0.58
CA ILE A 57 27.53 21.03 -1.16
C ILE A 57 27.51 20.91 -2.67
N ASP A 58 27.95 21.97 -3.32
CA ASP A 58 27.95 22.04 -4.79
C ASP A 58 29.12 21.20 -5.30
N GLY A 59 28.84 20.04 -5.91
CA GLY A 59 29.93 19.16 -6.33
C GLY A 59 30.45 19.44 -7.74
N GLY A 60 29.94 20.51 -8.37
CA GLY A 60 30.33 20.93 -9.72
C GLY A 60 29.28 20.56 -10.75
N VAL A 61 29.72 20.12 -11.95
CA VAL A 61 28.77 19.66 -12.99
C VAL A 61 27.85 18.53 -12.44
N TRP A 62 28.41 17.63 -11.65
CA TRP A 62 27.57 16.67 -10.90
C TRP A 62 27.26 17.38 -9.61
N LYS A 63 26.10 18.07 -9.60
CA LYS A 63 25.81 19.02 -8.51
C LYS A 63 25.83 18.38 -7.10
N GLN A 64 25.43 17.12 -7.04
CA GLN A 64 25.31 16.43 -5.77
C GLN A 64 26.39 15.37 -5.54
N GLY A 65 27.43 15.41 -6.37
CA GLY A 65 28.54 14.45 -6.29
C GLY A 65 29.89 15.15 -6.21
N TRP A 66 30.80 14.77 -7.09
CA TRP A 66 32.18 15.32 -7.11
C TRP A 66 32.66 15.20 -8.54
N ASN A 67 33.81 15.81 -8.88
CA ASN A 67 34.36 15.68 -10.23
C ASN A 67 35.03 14.32 -10.41
N ILE A 68 34.38 13.41 -11.13
CA ILE A 68 34.88 12.05 -11.24
C ILE A 68 36.15 12.04 -12.11
N LYS A 69 37.16 11.30 -11.67
CA LYS A 69 38.38 11.14 -12.45
C LYS A 69 38.55 9.65 -12.72
N TYR A 70 39.13 9.32 -13.85
CA TYR A 70 39.44 7.91 -14.15
C TYR A 70 40.83 7.81 -14.77
N ASP A 71 41.41 6.62 -14.64
CA ASP A 71 42.65 6.27 -15.30
C ASP A 71 42.38 5.80 -16.74
N PRO A 72 42.79 6.60 -17.74
CA PRO A 72 42.51 6.28 -19.14
C PRO A 72 43.01 4.89 -19.50
N LEU A 73 43.99 4.41 -18.75
CA LEU A 73 44.64 3.13 -19.00
C LEU A 73 43.90 1.94 -18.36
N LYS A 74 42.80 2.20 -17.64
CA LYS A 74 42.02 1.13 -17.02
C LYS A 74 41.44 0.21 -18.08
N TYR A 75 41.07 0.82 -19.20
CA TYR A 75 40.46 0.09 -20.30
C TYR A 75 41.53 -0.07 -21.39
N ASN A 76 41.62 -1.27 -21.98
CA ASN A 76 42.57 -1.59 -23.06
C ASN A 76 42.06 -2.74 -23.94
N ALA A 77 42.86 -3.21 -24.89
CA ALA A 77 42.37 -4.24 -25.84
C ALA A 77 41.83 -5.50 -25.15
N HIS A 78 42.33 -5.81 -23.96
CA HIS A 78 42.03 -7.05 -23.26
C HIS A 78 41.00 -6.86 -22.16
N HIS A 79 40.67 -5.59 -21.91
CA HIS A 79 39.68 -5.18 -20.91
C HIS A 79 38.91 -3.96 -21.41
N LYS A 80 37.88 -4.22 -22.23
CA LYS A 80 37.06 -3.16 -22.83
C LYS A 80 35.88 -2.76 -21.92
N LEU A 81 35.40 -1.53 -22.04
CA LEU A 81 34.15 -1.14 -21.40
C LEU A 81 32.99 -1.55 -22.34
N LYS A 82 32.08 -2.39 -21.84
CA LYS A 82 30.93 -2.86 -22.63
C LYS A 82 29.76 -1.98 -22.21
N VAL A 83 29.18 -1.24 -23.16
CA VAL A 83 28.18 -0.24 -22.83
C VAL A 83 26.85 -0.69 -23.45
N PHE A 84 25.80 -0.79 -22.60
CA PHE A 84 24.42 -1.11 -23.06
C PHE A 84 23.52 0.09 -22.94
N VAL A 85 23.05 0.60 -24.09
CA VAL A 85 22.20 1.77 -24.16
C VAL A 85 20.81 1.19 -24.25
N VAL A 86 19.98 1.51 -23.26
CA VAL A 86 18.70 0.79 -23.12
C VAL A 86 17.55 1.78 -23.34
N PRO A 87 16.98 1.80 -24.56
CA PRO A 87 15.85 2.72 -24.84
C PRO A 87 14.62 2.34 -24.01
N HIS A 88 13.95 3.35 -23.49
CA HIS A 88 12.77 3.16 -22.62
C HIS A 88 11.84 4.35 -22.71
N SER A 89 10.62 4.13 -22.24
CA SER A 89 9.60 5.17 -22.30
C SER A 89 8.78 5.04 -21.04
N HIS A 90 8.86 6.04 -20.18
CA HIS A 90 8.12 6.00 -18.89
C HIS A 90 6.67 6.42 -19.09
N ASN A 91 5.75 5.47 -18.98
CA ASN A 91 4.32 5.70 -19.27
C ASN A 91 3.49 5.61 -18.00
N ASP A 92 3.14 6.76 -17.44
CA ASP A 92 2.39 6.80 -16.19
C ASP A 92 0.92 6.42 -16.45
N PRO A 93 0.41 5.36 -15.82
CA PRO A 93 -1.03 5.01 -15.91
C PRO A 93 -1.95 6.02 -15.14
N GLY A 94 -1.87 7.26 -15.61
CA GLY A 94 -2.58 8.38 -15.03
C GLY A 94 -1.62 9.27 -14.27
N TRP A 95 -1.77 10.58 -14.48
CA TRP A 95 -1.03 11.58 -13.70
C TRP A 95 -1.60 12.98 -13.96
N ILE A 96 -1.16 13.57 -15.07
CA ILE A 96 -1.69 14.84 -15.61
C ILE A 96 -2.91 14.60 -16.49
N GLN A 97 -3.01 13.39 -17.06
CA GLN A 97 -4.19 12.96 -17.81
CA GLN A 97 -4.18 12.96 -17.81
C GLN A 97 -4.64 11.65 -17.19
N THR A 98 -5.85 11.21 -17.51
CA THR A 98 -6.26 9.87 -17.06
C THR A 98 -5.54 8.76 -17.86
N PHE A 99 -5.62 7.54 -17.36
CA PHE A 99 -5.10 6.39 -18.08
C PHE A 99 -5.56 6.41 -19.54
N GLU A 100 -6.85 6.55 -19.75
CA GLU A 100 -7.38 6.45 -21.10
C GLU A 100 -6.97 7.64 -21.96
N GLU A 101 -6.91 8.85 -21.37
CA GLU A 101 -6.49 10.05 -22.12
C GLU A 101 -5.03 9.91 -22.58
N TYR A 102 -4.17 9.46 -21.69
CA TYR A 102 -2.78 9.17 -22.10
C TYR A 102 -2.71 8.02 -23.15
N TYR A 103 -3.54 7.00 -22.98
CA TYR A 103 -3.50 5.88 -23.93
C TYR A 103 -3.84 6.40 -25.36
N GLN A 104 -4.87 7.22 -25.45
CA GLN A 104 -5.32 7.76 -26.75
C GLN A 104 -4.37 8.76 -27.35
N HIS A 105 -3.80 9.61 -26.52
N HIS A 105 -3.80 9.64 -26.55
CA HIS A 105 -2.98 10.74 -26.99
CA HIS A 105 -2.93 10.72 -27.08
C HIS A 105 -1.50 10.37 -27.17
C HIS A 105 -1.50 10.25 -27.29
N ASP A 106 -1.01 9.37 -26.42
CA ASP A 106 0.42 9.05 -26.43
C ASP A 106 0.78 7.59 -26.53
N THR A 107 0.28 6.81 -25.59
CA THR A 107 0.78 5.45 -25.44
C THR A 107 0.42 4.56 -26.63
N LYS A 108 -0.79 4.71 -27.20
CA LYS A 108 -1.11 3.82 -28.34
C LYS A 108 -0.15 4.08 -29.51
N HIS A 109 0.29 5.31 -29.64
CA HIS A 109 1.21 5.66 -30.73
C HIS A 109 2.62 5.20 -30.44
N ILE A 110 3.08 5.38 -29.18
CA ILE A 110 4.37 4.81 -28.77
C ILE A 110 4.45 3.31 -29.10
N LEU A 111 3.45 2.56 -28.68
CA LEU A 111 3.49 1.12 -28.88
C LEU A 111 3.34 0.73 -30.36
N SER A 112 2.49 1.47 -31.07
CA SER A 112 2.31 1.20 -32.51
C SER A 112 3.62 1.43 -33.27
N ASN A 113 4.26 2.55 -32.97
CA ASN A 113 5.51 2.88 -33.64
C ASN A 113 6.70 2.06 -33.14
N ALA A 114 6.64 1.61 -31.89
CA ALA A 114 7.65 0.64 -31.42
C ALA A 114 7.59 -0.60 -32.24
N LEU A 115 6.37 -1.10 -32.47
CA LEU A 115 6.17 -2.30 -33.25
C LEU A 115 6.80 -2.15 -34.65
N ARG A 116 6.49 -1.03 -35.29
CA ARG A 116 6.97 -0.80 -36.64
C ARG A 116 8.49 -0.64 -36.65
N HIS A 117 9.01 0.20 -35.76
CA HIS A 117 10.45 0.51 -35.78
C HIS A 117 11.31 -0.61 -35.35
N LEU A 118 10.88 -1.40 -34.35
CA LEU A 118 11.66 -2.58 -33.96
C LEU A 118 11.58 -3.64 -35.06
N HIS A 119 10.41 -3.85 -35.62
CA HIS A 119 10.36 -4.82 -36.71
C HIS A 119 11.41 -4.48 -37.79
N ASP A 120 11.42 -3.22 -38.23
CA ASP A 120 12.26 -2.76 -39.36
C ASP A 120 13.73 -2.56 -39.07
N ASN A 121 14.11 -2.52 -37.78
CA ASN A 121 15.49 -2.29 -37.35
C ASN A 121 15.91 -3.33 -36.32
N PRO A 122 16.37 -4.49 -36.80
CA PRO A 122 16.57 -5.65 -35.94
C PRO A 122 17.56 -5.44 -34.78
N GLU A 123 18.51 -4.48 -34.85
CA GLU A 123 19.43 -4.26 -33.71
C GLU A 123 18.89 -3.30 -32.66
N MET A 124 17.79 -2.58 -32.98
CA MET A 124 17.18 -1.62 -32.05
C MET A 124 16.48 -2.42 -30.92
N LYS A 125 16.44 -1.85 -29.71
CA LYS A 125 15.91 -2.52 -28.53
C LYS A 125 15.01 -1.58 -27.74
N PHE A 126 14.16 -2.14 -26.86
CA PHE A 126 13.23 -1.26 -26.13
C PHE A 126 12.72 -2.08 -24.95
N ILE A 127 12.64 -1.44 -23.79
CA ILE A 127 12.03 -2.09 -22.62
C ILE A 127 10.67 -1.50 -22.30
N TRP A 128 9.78 -2.33 -21.77
CA TRP A 128 8.42 -1.90 -21.45
C TRP A 128 8.01 -2.36 -20.04
N ALA A 129 7.46 -1.44 -19.22
CA ALA A 129 7.20 -1.81 -17.82
C ALA A 129 5.71 -1.96 -17.45
N GLU A 130 4.84 -1.11 -18.01
CA GLU A 130 3.47 -0.94 -17.50
C GLU A 130 2.52 -1.80 -18.30
N ILE A 131 2.17 -2.97 -17.76
CA ILE A 131 1.36 -3.94 -18.52
C ILE A 131 -0.11 -3.50 -18.66
N SER A 132 -0.66 -2.67 -17.74
CA SER A 132 -2.01 -2.10 -17.94
C SER A 132 -2.14 -1.46 -19.34
N TYR A 133 -1.15 -0.63 -19.70
CA TYR A 133 -1.11 -0.05 -21.06
C TYR A 133 -0.88 -1.11 -22.18
N PHE A 134 0.03 -2.04 -21.93
CA PHE A 134 0.36 -3.00 -22.97
C PHE A 134 -0.86 -3.90 -23.30
N ALA A 135 -1.55 -4.31 -22.24
CA ALA A 135 -2.77 -5.11 -22.45
C ALA A 135 -3.89 -4.33 -23.20
N ARG A 136 -4.09 -3.07 -22.83
CA ARG A 136 -5.07 -2.17 -23.46
C ARG A 136 -4.75 -2.10 -24.98
N PHE A 137 -3.45 -1.95 -25.28
CA PHE A 137 -2.99 -1.86 -26.68
C PHE A 137 -3.15 -3.19 -27.45
N TYR A 138 -2.64 -4.27 -26.87
CA TYR A 138 -2.62 -5.56 -27.50
C TYR A 138 -4.05 -6.04 -27.88
N HIS A 139 -4.99 -5.85 -26.99
CA HIS A 139 -6.33 -6.32 -27.31
C HIS A 139 -7.02 -5.52 -28.41
N ASP A 140 -6.50 -4.35 -28.76
CA ASP A 140 -7.02 -3.56 -29.88
C ASP A 140 -6.33 -3.86 -31.22
N LEU A 141 -5.29 -4.68 -31.17
CA LEU A 141 -4.55 -5.05 -32.39
C LEU A 141 -5.24 -6.11 -33.26
N GLY A 142 -5.15 -5.96 -34.57
CA GLY A 142 -5.49 -7.06 -35.46
C GLY A 142 -4.55 -8.25 -35.27
N GLU A 143 -4.99 -9.43 -35.73
CA GLU A 143 -4.23 -10.69 -35.60
C GLU A 143 -2.86 -10.59 -36.26
N ASN A 144 -2.80 -9.98 -37.43
CA ASN A 144 -1.53 -9.76 -38.12
C ASN A 144 -0.54 -9.02 -37.20
N LYS A 145 -1.00 -7.98 -36.52
CA LYS A 145 -0.10 -7.19 -35.67
C LYS A 145 0.20 -7.88 -34.34
N LYS A 146 -0.77 -8.63 -33.78
CA LYS A 146 -0.50 -9.42 -32.57
C LYS A 146 0.68 -10.38 -32.84
N LEU A 147 0.67 -11.03 -34.00
CA LEU A 147 1.76 -11.95 -34.36
C LEU A 147 3.14 -11.24 -34.55
N GLN A 148 3.16 -10.06 -35.17
CA GLN A 148 4.40 -9.28 -35.29
C GLN A 148 4.91 -8.94 -33.89
N MET A 149 3.99 -8.57 -33.01
CA MET A 149 4.34 -8.17 -31.64
C MET A 149 4.91 -9.36 -30.89
N LYS A 150 4.26 -10.53 -31.00
CA LYS A 150 4.82 -11.72 -30.35
C LYS A 150 6.23 -12.02 -30.87
N SER A 151 6.49 -11.71 -32.14
CA SER A 151 7.79 -12.04 -32.74
C SER A 151 8.91 -11.13 -32.25
N ILE A 152 8.62 -9.83 -32.06
CA ILE A 152 9.68 -8.96 -31.59
C ILE A 152 9.94 -9.18 -30.08
N VAL A 153 8.98 -9.74 -29.37
CA VAL A 153 9.23 -10.15 -27.97
C VAL A 153 10.01 -11.45 -27.91
N LYS A 154 9.54 -12.44 -28.68
CA LYS A 154 10.25 -13.72 -28.78
C LYS A 154 11.72 -13.56 -29.15
N ASN A 155 12.01 -12.69 -30.11
CA ASN A 155 13.39 -12.44 -30.57
C ASN A 155 14.23 -11.53 -29.67
N GLY A 156 13.65 -10.96 -28.61
CA GLY A 156 14.43 -10.22 -27.64
C GLY A 156 14.55 -8.72 -27.88
N GLN A 157 13.90 -8.21 -28.93
CA GLN A 157 14.04 -6.78 -29.21
C GLN A 157 13.19 -5.94 -28.25
N LEU A 158 11.97 -6.40 -27.96
CA LEU A 158 11.10 -5.71 -26.99
C LEU A 158 11.09 -6.59 -25.74
N GLU A 159 11.54 -6.02 -24.61
CA GLU A 159 11.65 -6.80 -23.41
C GLU A 159 10.80 -6.17 -22.31
N PHE A 160 10.04 -6.97 -21.60
CA PHE A 160 9.26 -6.46 -20.50
C PHE A 160 10.12 -6.49 -19.25
N VAL A 161 10.01 -5.40 -18.51
CA VAL A 161 10.72 -5.29 -17.25
C VAL A 161 9.69 -5.20 -16.16
N THR A 162 9.99 -5.90 -15.06
CA THR A 162 9.03 -6.16 -13.97
C THR A 162 7.79 -6.90 -14.42
N GLY A 163 6.98 -6.27 -15.25
CA GLY A 163 5.80 -6.91 -15.76
C GLY A 163 4.57 -6.76 -14.89
N GLY A 164 4.60 -5.80 -13.96
CA GLY A 164 3.42 -5.50 -13.17
C GLY A 164 2.38 -4.74 -13.97
N TRP A 165 1.14 -4.76 -13.48
CA TRP A 165 0.13 -3.95 -14.11
C TRP A 165 0.61 -2.48 -14.19
N VAL A 166 1.33 -2.09 -13.15
CA VAL A 166 1.88 -0.74 -13.04
C VAL A 166 3.31 -0.80 -12.45
N MET A 167 3.87 0.37 -12.20
CA MET A 167 5.07 0.48 -11.41
C MET A 167 4.67 1.16 -10.10
N PRO A 168 4.47 0.36 -9.05
CA PRO A 168 3.65 0.82 -7.94
C PRO A 168 4.43 1.79 -7.05
N ASP A 169 3.72 2.63 -6.34
CA ASP A 169 4.28 3.29 -5.15
C ASP A 169 4.82 2.21 -4.23
N GLU A 170 5.87 2.55 -3.51
CA GLU A 170 6.48 1.63 -2.54
C GLU A 170 6.31 2.11 -1.10
N ALA A 171 5.75 3.30 -0.91
CA ALA A 171 5.54 3.82 0.45
C ALA A 171 4.21 3.48 1.09
N ASN A 172 3.13 3.74 0.35
CA ASN A 172 1.79 3.68 0.88
C ASN A 172 1.14 2.35 0.57
N SER A 173 1.69 1.64 -0.41
CA SER A 173 1.07 0.40 -0.92
C SER A 173 1.17 -0.76 0.07
N HIS A 174 0.08 -1.49 0.22
CA HIS A 174 0.18 -2.72 1.00
C HIS A 174 0.80 -3.86 0.16
N TRP A 175 1.59 -4.72 0.82
CA TRP A 175 2.33 -5.73 0.10
C TRP A 175 1.34 -6.64 -0.62
N ARG A 176 0.17 -6.85 -0.03
CA ARG A 176 -0.84 -7.70 -0.69
C ARG A 176 -1.21 -7.12 -2.05
N ASN A 177 -1.33 -5.80 -2.12
CA ASN A 177 -1.68 -5.18 -3.40
C ASN A 177 -0.51 -5.03 -4.36
N VAL A 178 0.71 -4.92 -3.83
CA VAL A 178 1.88 -4.98 -4.71
C VAL A 178 1.89 -6.35 -5.40
N LEU A 179 1.64 -7.43 -4.60
CA LEU A 179 1.60 -8.77 -5.19
C LEU A 179 0.46 -8.88 -6.19
N LEU A 180 -0.69 -8.32 -5.84
CA LEU A 180 -1.87 -8.40 -6.71
C LEU A 180 -1.54 -7.79 -8.09
N GLN A 181 -0.96 -6.60 -8.10
CA GLN A 181 -0.76 -5.93 -9.40
C GLN A 181 0.39 -6.61 -10.17
N LEU A 182 1.41 -7.13 -9.46
CA LEU A 182 2.48 -7.89 -10.12
C LEU A 182 1.87 -9.12 -10.79
N THR A 183 1.00 -9.81 -10.06
CA THR A 183 0.41 -11.06 -10.59
C THR A 183 -0.52 -10.73 -11.76
N GLU A 184 -1.26 -9.63 -11.68
CA GLU A 184 -2.18 -9.28 -12.77
C GLU A 184 -1.37 -9.06 -14.08
N GLY A 185 -0.31 -8.26 -14.01
CA GLY A 185 0.50 -8.02 -15.21
C GLY A 185 1.25 -9.29 -15.68
N GLN A 186 1.85 -10.03 -14.76
CA GLN A 186 2.62 -11.22 -15.19
C GLN A 186 1.71 -12.36 -15.72
N THR A 187 0.50 -12.47 -15.15
CA THR A 187 -0.38 -13.53 -15.66
C THR A 187 -0.76 -13.20 -17.09
N TRP A 188 -0.99 -11.92 -17.36
CA TRP A 188 -1.34 -11.47 -18.71
C TRP A 188 -0.16 -11.74 -19.65
N LEU A 189 1.05 -11.40 -19.22
CA LEU A 189 2.23 -11.66 -20.08
C LEU A 189 2.46 -13.14 -20.36
N LYS A 190 2.24 -14.00 -19.37
CA LYS A 190 2.48 -15.44 -19.60
C LYS A 190 1.49 -15.96 -20.64
N GLN A 191 0.22 -15.58 -20.47
CA GLN A 191 -0.82 -16.04 -21.39
C GLN A 191 -0.63 -15.52 -22.80
N PHE A 192 -0.33 -14.23 -22.96
CA PHE A 192 -0.35 -13.63 -24.30
C PHE A 192 1.01 -13.47 -24.98
N MET A 193 2.07 -13.30 -24.20
CA MET A 193 3.40 -13.07 -24.76
C MET A 193 4.37 -14.21 -24.43
N ASN A 194 3.91 -15.16 -23.61
CA ASN A 194 4.71 -16.31 -23.22
C ASN A 194 6.05 -15.93 -22.59
N VAL A 195 6.04 -14.90 -21.76
CA VAL A 195 7.25 -14.50 -21.06
C VAL A 195 6.96 -14.08 -19.64
N THR A 196 7.93 -14.29 -18.76
CA THR A 196 7.88 -13.86 -17.37
C THR A 196 9.19 -13.14 -17.00
N PRO A 197 9.14 -11.81 -16.87
CA PRO A 197 10.34 -11.06 -16.53
C PRO A 197 10.98 -11.50 -15.21
N THR A 198 12.31 -11.46 -15.20
CA THR A 198 13.06 -11.78 -13.98
C THR A 198 13.91 -10.62 -13.58
N ALA A 199 13.74 -9.48 -14.28
CA ALA A 199 14.42 -8.25 -13.88
C ALA A 199 13.38 -7.14 -13.70
N SER A 200 13.51 -6.38 -12.61
CA SER A 200 12.59 -5.30 -12.29
C SER A 200 13.22 -3.94 -12.53
N TRP A 201 12.36 -2.98 -12.89
CA TRP A 201 12.70 -1.62 -13.33
C TRP A 201 11.78 -0.69 -12.55
N ALA A 202 12.34 0.02 -11.57
CA ALA A 202 11.57 0.94 -10.79
C ALA A 202 12.21 2.32 -10.71
N ILE A 203 12.04 3.08 -11.79
CA ILE A 203 12.73 4.33 -11.95
C ILE A 203 12.08 5.53 -11.32
N ASP A 204 10.80 5.42 -10.94
CA ASP A 204 10.04 6.59 -10.50
C ASP A 204 9.39 6.56 -9.12
N PRO A 205 9.18 5.42 -8.43
CA PRO A 205 8.56 5.54 -7.08
C PRO A 205 9.40 6.47 -6.18
N PHE A 206 8.75 7.22 -5.29
CA PHE A 206 9.46 8.33 -4.59
C PHE A 206 10.13 7.79 -3.31
N GLY A 207 11.29 7.16 -3.47
CA GLY A 207 11.84 6.35 -2.39
C GLY A 207 11.47 4.87 -2.58
N HIS A 208 12.22 3.96 -1.97
CA HIS A 208 12.11 2.52 -2.30
C HIS A 208 12.08 1.66 -1.05
N SER A 209 11.34 0.55 -1.13
CA SER A 209 11.11 -0.30 0.01
C SER A 209 11.66 -1.71 -0.21
N PRO A 210 12.21 -2.31 0.85
CA PRO A 210 12.68 -3.71 0.76
C PRO A 210 11.55 -4.68 0.60
N THR A 211 10.28 -4.23 0.74
CA THR A 211 9.19 -5.13 0.38
C THR A 211 9.25 -5.57 -1.07
N MET A 212 9.79 -4.70 -1.91
CA MET A 212 9.94 -5.08 -3.35
C MET A 212 10.87 -6.30 -3.60
N PRO A 213 12.14 -6.24 -3.21
CA PRO A 213 12.96 -7.45 -3.39
C PRO A 213 12.34 -8.65 -2.65
N TYR A 214 11.69 -8.43 -1.50
CA TYR A 214 11.04 -9.58 -0.81
C TYR A 214 10.04 -10.31 -1.70
N ILE A 215 9.11 -9.55 -2.26
CA ILE A 215 8.10 -10.17 -3.18
C ILE A 215 8.76 -10.68 -4.48
N LEU A 216 9.65 -9.88 -5.04
CA LEU A 216 10.23 -10.24 -6.35
C LEU A 216 11.06 -11.50 -6.25
N GLN A 217 11.85 -11.61 -5.16
CA GLN A 217 12.72 -12.78 -5.05
C GLN A 217 11.86 -14.07 -4.88
N LYS A 218 10.66 -13.90 -4.33
CA LYS A 218 9.73 -15.03 -4.15
C LYS A 218 8.74 -15.14 -5.32
N SER A 219 9.08 -14.49 -6.42
CA SER A 219 8.30 -14.50 -7.66
C SER A 219 9.24 -14.75 -8.84
N GLY A 220 10.39 -15.40 -8.56
CA GLY A 220 11.34 -15.80 -9.58
C GLY A 220 12.35 -14.76 -10.06
N PHE A 221 12.38 -13.57 -9.46
CA PHE A 221 13.23 -12.52 -10.01
C PHE A 221 14.66 -12.76 -9.58
N LYS A 222 15.59 -12.27 -10.39
CA LYS A 222 17.01 -12.38 -10.12
C LYS A 222 17.70 -11.02 -10.02
N ASN A 223 17.06 -9.97 -10.54
CA ASN A 223 17.67 -8.64 -10.49
C ASN A 223 16.62 -7.53 -10.40
N MET A 224 17.00 -6.38 -9.83
CA MET A 224 16.11 -5.23 -9.86
C MET A 224 16.90 -3.91 -9.89
N LEU A 225 16.23 -2.86 -10.38
CA LEU A 225 16.84 -1.54 -10.53
C LEU A 225 15.96 -0.50 -9.81
N ILE A 226 16.61 0.43 -9.11
CA ILE A 226 15.89 1.53 -8.43
C ILE A 226 16.60 2.83 -8.73
N GLN A 227 15.93 3.96 -8.49
CA GLN A 227 16.45 5.28 -8.87
C GLN A 227 16.28 6.34 -7.79
N ARG A 228 15.06 6.52 -7.30
CA ARG A 228 14.83 7.69 -6.47
C ARG A 228 15.23 7.45 -5.01
N THR A 229 16.51 7.70 -4.71
CA THR A 229 16.98 7.65 -3.34
C THR A 229 17.68 8.94 -3.05
N HIS A 230 17.79 9.23 -1.76
CA HIS A 230 18.26 10.54 -1.26
C HIS A 230 19.60 10.86 -1.93
N TYR A 231 19.76 12.09 -2.41
CA TYR A 231 21.01 12.46 -3.08
C TYR A 231 22.25 12.22 -2.20
N SER A 232 22.13 12.33 -0.88
CA SER A 232 23.30 12.02 -0.05
C SER A 232 23.62 10.52 -0.04
N VAL A 233 22.60 9.67 -0.09
CA VAL A 233 22.86 8.24 -0.17
C VAL A 233 23.55 7.88 -1.49
N LYS A 234 23.07 8.43 -2.60
CA LYS A 234 23.74 8.22 -3.89
C LYS A 234 25.21 8.59 -3.80
N LYS A 235 25.51 9.76 -3.24
CA LYS A 235 26.92 10.19 -3.13
C LYS A 235 27.72 9.22 -2.29
N GLU A 236 27.19 8.86 -1.13
CA GLU A 236 27.89 7.98 -0.20
C GLU A 236 28.13 6.58 -0.82
N LEU A 237 27.10 5.98 -1.39
CA LEU A 237 27.28 4.65 -1.97
C LEU A 237 28.18 4.73 -3.22
N ALA A 238 28.05 5.80 -4.01
CA ALA A 238 28.89 5.94 -5.21
C ALA A 238 30.39 5.95 -4.80
N GLN A 239 30.71 6.71 -3.74
CA GLN A 239 32.11 6.83 -3.24
C GLN A 239 32.74 5.49 -2.88
N GLN A 240 31.90 4.54 -2.48
CA GLN A 240 32.37 3.23 -2.07
C GLN A 240 32.10 2.17 -3.12
N ARG A 241 31.64 2.59 -4.30
CA ARG A 241 31.16 1.62 -5.31
C ARG A 241 30.21 0.58 -4.71
N GLN A 242 29.22 1.08 -3.94
CA GLN A 242 28.18 0.22 -3.33
C GLN A 242 26.79 0.50 -3.94
N LEU A 243 26.78 0.93 -5.22
CA LEU A 243 25.50 1.20 -5.90
C LEU A 243 24.84 -0.05 -6.41
N GLU A 244 25.63 -1.13 -6.50
CA GLU A 244 25.09 -2.43 -6.81
C GLU A 244 25.34 -3.28 -5.58
N PHE A 245 24.28 -3.93 -5.10
CA PHE A 245 24.31 -4.61 -3.82
C PHE A 245 23.31 -5.78 -3.77
N LEU A 246 23.58 -6.74 -2.91
CA LEU A 246 22.64 -7.84 -2.67
C LEU A 246 21.72 -7.40 -1.54
N TRP A 247 20.48 -7.06 -1.89
CA TRP A 247 19.58 -6.44 -0.92
C TRP A 247 18.78 -7.54 -0.22
N ARG A 248 19.07 -7.72 1.07
CA ARG A 248 18.35 -8.74 1.85
C ARG A 248 17.47 -8.04 2.90
N GLN A 249 16.53 -8.78 3.47
CA GLN A 249 15.66 -8.22 4.49
C GLN A 249 16.41 -7.98 5.80
N ILE A 250 15.92 -7.03 6.58
CA ILE A 250 16.61 -6.56 7.76
C ILE A 250 16.80 -7.63 8.84
N TRP A 251 15.94 -8.66 8.85
CA TRP A 251 16.02 -9.76 9.81
C TRP A 251 16.76 -10.99 9.29
N ASP A 252 17.22 -10.93 8.04
CA ASP A 252 17.66 -12.15 7.34
C ASP A 252 19.15 -12.43 7.60
N ASN A 253 19.41 -13.33 8.54
CA ASN A 253 20.79 -13.56 8.93
C ASN A 253 21.60 -14.35 7.88
N LYS A 254 20.95 -15.29 7.21
CA LYS A 254 21.59 -16.20 6.24
C LYS A 254 21.77 -15.55 4.88
N GLY A 255 20.78 -14.75 4.50
CA GLY A 255 20.81 -14.06 3.22
C GLY A 255 20.01 -14.69 2.08
N ASP A 256 19.15 -15.65 2.41
N ASP A 256 19.16 -15.66 2.38
CA ASP A 256 18.36 -16.31 1.37
CA ASP A 256 18.38 -16.30 1.32
C ASP A 256 17.31 -15.40 0.70
C ASP A 256 17.26 -15.43 0.71
N THR A 257 16.98 -14.27 1.31
CA THR A 257 16.04 -13.33 0.68
C THR A 257 16.74 -12.37 -0.29
N ALA A 258 18.07 -12.41 -0.35
CA ALA A 258 18.84 -11.43 -1.12
C ALA A 258 18.47 -11.37 -2.60
N LEU A 259 18.39 -10.14 -3.12
CA LEU A 259 18.14 -9.91 -4.55
C LEU A 259 19.15 -8.91 -5.05
N PHE A 260 19.88 -9.24 -6.13
CA PHE A 260 20.81 -8.28 -6.70
C PHE A 260 20.09 -6.99 -7.15
N THR A 261 20.61 -5.83 -6.71
CA THR A 261 19.96 -4.56 -6.95
C THR A 261 20.96 -3.56 -7.53
N HIS A 262 20.53 -2.82 -8.56
CA HIS A 262 21.30 -1.71 -9.16
C HIS A 262 20.61 -0.39 -8.79
N MET A 263 21.29 0.49 -8.04
CA MET A 263 20.80 1.84 -7.82
C MET A 263 21.43 2.78 -8.85
N MET A 264 20.59 3.51 -9.60
CA MET A 264 21.13 4.52 -10.53
C MET A 264 21.76 5.66 -9.70
N PRO A 265 22.84 6.27 -10.22
CA PRO A 265 23.66 7.19 -9.40
C PRO A 265 23.27 8.69 -9.37
N PHE A 266 22.46 9.13 -10.33
CA PHE A 266 22.25 10.56 -10.57
C PHE A 266 20.81 11.03 -10.23
N TYR A 267 20.59 12.32 -10.46
CA TYR A 267 19.43 13.03 -9.97
C TYR A 267 18.14 12.55 -10.65
N SER A 268 18.24 12.13 -11.92
CA SER A 268 17.03 11.76 -12.67
C SER A 268 17.27 10.55 -13.56
N TYR A 269 16.18 9.90 -14.00
CA TYR A 269 16.29 8.87 -15.03
C TYR A 269 16.21 9.45 -16.46
N ASP A 270 16.10 10.78 -16.60
CA ASP A 270 16.02 11.36 -17.96
C ASP A 270 17.39 11.30 -18.67
N ILE A 271 17.43 11.64 -19.97
CA ILE A 271 18.64 11.43 -20.75
C ILE A 271 19.79 12.33 -20.22
N PRO A 272 19.55 13.62 -19.88
CA PRO A 272 20.62 14.44 -19.26
C PRO A 272 21.26 13.86 -17.99
N HIS A 273 20.51 13.04 -17.25
CA HIS A 273 21.07 12.44 -16.01
C HIS A 273 21.36 10.94 -16.07
N THR A 274 21.51 10.40 -17.28
CA THR A 274 21.80 8.97 -17.42
C THR A 274 23.01 8.63 -18.26
N CYS A 275 23.54 9.57 -19.04
CA CYS A 275 24.78 9.23 -19.79
C CYS A 275 26.08 9.37 -18.97
N GLY A 276 26.06 10.14 -17.90
CA GLY A 276 27.27 10.42 -17.11
C GLY A 276 26.98 11.57 -16.20
N PRO A 277 28.00 12.06 -15.45
CA PRO A 277 27.85 13.04 -14.37
C PRO A 277 27.49 14.48 -14.80
N ASP A 278 27.63 14.81 -16.07
CA ASP A 278 27.47 16.21 -16.47
C ASP A 278 26.29 16.35 -17.40
N PRO A 279 25.16 16.85 -16.89
CA PRO A 279 23.93 16.94 -17.71
C PRO A 279 24.04 17.92 -18.84
N LYS A 280 24.93 18.93 -18.76
CA LYS A 280 25.16 19.84 -19.88
C LYS A 280 25.69 19.08 -21.08
N VAL A 281 26.51 18.05 -20.82
CA VAL A 281 26.97 17.19 -21.91
C VAL A 281 25.91 16.12 -22.32
N CYS A 282 25.35 15.41 -21.33
CA CYS A 282 24.39 14.32 -21.66
C CYS A 282 23.19 14.85 -22.44
N CYS A 283 22.77 16.06 -22.14
CA CYS A 283 21.64 16.65 -22.85
C CYS A 283 21.85 16.78 -24.36
N GLN A 284 23.11 16.99 -24.78
CA GLN A 284 23.48 17.00 -26.22
C GLN A 284 23.29 15.66 -26.92
N PHE A 285 22.99 14.62 -26.13
CA PHE A 285 22.74 13.31 -26.70
C PHE A 285 21.30 12.84 -26.52
N ASP A 286 20.44 13.79 -26.23
CA ASP A 286 18.99 13.58 -26.29
C ASP A 286 18.54 14.21 -27.61
N PHE A 287 18.48 13.42 -28.67
CA PHE A 287 18.26 13.99 -30.00
C PHE A 287 16.85 14.45 -30.25
N LYS A 288 15.94 14.21 -29.30
CA LYS A 288 14.63 14.86 -29.39
C LYS A 288 14.66 16.36 -29.04
N ARG A 289 15.77 16.86 -28.54
CA ARG A 289 15.77 18.22 -28.04
C ARG A 289 16.38 19.26 -28.99
N MET A 290 16.09 19.19 -30.28
CA MET A 290 16.73 20.14 -31.21
C MET A 290 15.89 21.37 -31.68
N GLY A 291 14.58 21.38 -31.40
CA GLY A 291 13.71 22.50 -31.71
C GLY A 291 12.31 22.19 -32.29
N SER A 292 12.28 21.40 -33.35
CA SER A 292 11.01 20.98 -33.97
C SER A 292 10.02 20.22 -33.07
N PHE A 293 10.54 19.58 -32.01
CA PHE A 293 9.74 18.80 -31.04
C PHE A 293 9.33 19.67 -29.85
N GLY A 294 9.70 20.95 -29.89
CA GLY A 294 9.36 21.90 -28.85
C GLY A 294 10.13 21.67 -27.56
N LEU A 295 11.32 21.06 -27.70
CA LEU A 295 12.16 20.79 -26.54
C LEU A 295 13.53 21.45 -26.66
N SER A 296 14.18 21.68 -25.53
CA SER A 296 15.53 22.24 -25.54
C SER A 296 16.32 21.75 -24.32
N CYS A 297 17.61 22.13 -24.24
CA CYS A 297 18.49 21.78 -23.12
C CYS A 297 18.63 22.97 -22.18
N PRO A 298 18.18 22.84 -20.92
CA PRO A 298 18.31 23.94 -19.95
C PRO A 298 19.77 24.38 -19.78
N TRP A 299 20.73 23.52 -20.13
CA TRP A 299 22.15 23.88 -19.96
C TRP A 299 22.68 24.70 -21.13
N LYS A 300 21.78 25.00 -22.07
CA LYS A 300 22.05 25.98 -23.16
C LYS A 300 22.95 25.50 -24.33
N VAL A 301 23.34 24.23 -24.33
CA VAL A 301 24.05 23.66 -25.45
C VAL A 301 23.15 22.61 -26.05
N PRO A 302 22.70 22.81 -27.30
CA PRO A 302 21.78 21.86 -27.95
C PRO A 302 22.46 20.60 -28.45
N PRO A 303 21.67 19.55 -28.67
CA PRO A 303 22.16 18.38 -29.39
C PRO A 303 22.52 18.83 -30.81
N ARG A 304 23.51 18.16 -31.40
CA ARG A 304 23.87 18.37 -32.78
C ARG A 304 23.80 17.05 -33.50
N THR A 305 23.22 17.06 -34.69
CA THR A 305 23.14 15.86 -35.48
C THR A 305 24.54 15.26 -35.71
N ILE A 306 24.70 13.93 -35.57
CA ILE A 306 26.03 13.32 -35.76
C ILE A 306 26.32 13.18 -37.26
N SER A 307 27.55 13.58 -37.63
CA SER A 307 28.02 13.52 -39.02
C SER A 307 29.39 12.90 -39.03
N ASP A 308 29.83 12.47 -40.21
CA ASP A 308 31.27 12.10 -40.38
C ASP A 308 32.31 13.13 -39.87
N GLN A 309 31.98 14.42 -39.95
CA GLN A 309 32.88 15.52 -39.54
CA GLN A 309 32.94 15.44 -39.54
C GLN A 309 32.93 15.81 -38.05
N ASN A 310 31.85 15.47 -37.33
CA ASN A 310 31.84 15.74 -35.90
C ASN A 310 31.85 14.47 -35.04
N VAL A 311 31.69 13.31 -35.65
CA VAL A 311 31.50 12.08 -34.89
C VAL A 311 32.66 11.76 -33.95
N ALA A 312 33.88 12.08 -34.39
CA ALA A 312 35.04 11.83 -33.55
C ALA A 312 34.99 12.68 -32.29
N ALA A 313 34.71 13.97 -32.45
CA ALA A 313 34.64 14.86 -31.31
C ALA A 313 33.48 14.50 -30.40
N ARG A 314 32.36 14.16 -31.01
CA ARG A 314 31.14 13.90 -30.22
C ARG A 314 31.33 12.63 -29.41
N SER A 315 31.95 11.64 -30.03
CA SER A 315 32.29 10.35 -29.39
C SER A 315 33.25 10.58 -28.24
N ASP A 316 34.23 11.46 -28.43
N ASP A 316 34.25 11.44 -28.49
CA ASP A 316 35.17 11.74 -27.34
CA ASP A 316 35.15 11.95 -27.45
C ASP A 316 34.52 12.44 -26.10
C ASP A 316 34.38 12.27 -26.19
N LEU A 317 33.52 13.28 -26.32
CA LEU A 317 32.72 13.82 -25.22
C LEU A 317 31.88 12.73 -24.55
N LEU A 318 31.25 11.88 -25.35
CA LEU A 318 30.28 10.91 -24.81
C LEU A 318 31.01 9.77 -24.12
N VAL A 319 32.07 9.26 -24.74
CA VAL A 319 32.84 8.18 -24.11
C VAL A 319 33.43 8.65 -22.77
N ASP A 320 33.81 9.91 -22.67
CA ASP A 320 34.32 10.46 -21.41
C ASP A 320 33.27 10.47 -20.30
N GLN A 321 32.05 10.85 -20.65
CA GLN A 321 30.91 10.73 -19.73
C GLN A 321 30.73 9.27 -19.28
N TRP A 322 30.70 8.33 -20.23
CA TRP A 322 30.53 6.89 -19.92
C TRP A 322 31.61 6.39 -18.97
N LYS A 323 32.86 6.79 -19.24
CA LYS A 323 33.99 6.29 -18.42
C LYS A 323 33.97 6.88 -17.00
N LYS A 324 33.47 8.09 -16.89
CA LYS A 324 33.27 8.68 -15.57
C LYS A 324 32.14 7.92 -14.84
N LYS A 325 31.03 7.68 -15.53
CA LYS A 325 29.94 6.91 -14.89
C LYS A 325 30.45 5.52 -14.45
N ALA A 326 31.24 4.85 -15.32
CA ALA A 326 31.77 3.52 -15.06
C ALA A 326 32.60 3.44 -13.76
N GLU A 327 33.20 4.56 -13.39
CA GLU A 327 34.01 4.62 -12.16
C GLU A 327 33.20 4.35 -10.88
N LEU A 328 31.87 4.55 -10.95
CA LEU A 328 31.02 4.42 -9.78
C LEU A 328 30.59 3.00 -9.53
N TYR A 329 30.94 2.09 -10.47
CA TYR A 329 30.52 0.70 -10.44
C TYR A 329 31.69 -0.25 -10.56
N ARG A 330 31.45 -1.52 -10.24
CA ARG A 330 32.57 -2.46 -10.04
C ARG A 330 32.96 -3.29 -11.25
N THR A 331 32.09 -3.41 -12.25
CA THR A 331 32.43 -4.23 -13.40
C THR A 331 32.73 -3.35 -14.62
N ASN A 332 33.15 -4.01 -15.71
CA ASN A 332 33.36 -3.35 -16.99
C ASN A 332 32.13 -3.40 -17.89
N VAL A 333 30.96 -3.49 -17.27
CA VAL A 333 29.72 -3.47 -18.00
C VAL A 333 28.88 -2.30 -17.53
N LEU A 334 28.44 -1.44 -18.45
CA LEU A 334 27.84 -0.17 -18.11
C LEU A 334 26.41 -0.01 -18.65
N LEU A 335 25.50 0.37 -17.76
CA LEU A 335 24.11 0.60 -18.12
C LEU A 335 23.86 2.07 -18.40
N ILE A 336 23.38 2.34 -19.60
CA ILE A 336 22.97 3.71 -19.96
C ILE A 336 21.52 3.68 -20.39
N PRO A 337 20.60 3.98 -19.48
CA PRO A 337 19.20 4.13 -19.93
C PRO A 337 19.10 5.29 -20.94
N LEU A 338 18.24 5.14 -21.93
CA LEU A 338 17.95 6.21 -22.88
C LEU A 338 16.42 6.42 -23.01
N GLY A 339 15.87 7.34 -22.22
CA GLY A 339 14.42 7.56 -22.31
C GLY A 339 13.95 8.59 -21.32
N ASP A 340 12.63 8.81 -21.27
CA ASP A 340 12.02 9.79 -20.43
C ASP A 340 10.50 9.55 -20.53
N ASP A 341 9.72 10.44 -19.95
CA ASP A 341 8.27 10.21 -19.86
C ASP A 341 7.67 10.21 -21.26
N PHE A 342 6.91 9.16 -21.61
CA PHE A 342 6.16 9.09 -22.88
C PHE A 342 7.02 9.41 -24.10
N ARG A 343 8.27 8.96 -24.02
CA ARG A 343 9.21 9.04 -25.12
C ARG A 343 8.95 7.95 -26.20
N PHE A 344 9.57 8.14 -27.35
CA PHE A 344 9.51 7.19 -28.49
C PHE A 344 8.09 7.07 -29.03
N LYS A 345 7.54 8.24 -29.32
CA LYS A 345 6.19 8.38 -29.86
C LYS A 345 6.26 8.52 -31.41
N GLN A 346 6.68 9.70 -31.85
N GLN A 346 6.63 9.69 -31.88
CA GLN A 346 6.81 10.07 -33.26
CA GLN A 346 6.57 9.93 -33.30
C GLN A 346 7.75 9.16 -34.03
C GLN A 346 7.68 9.21 -34.04
N ASN A 347 7.37 8.82 -35.26
CA ASN A 347 8.31 8.15 -36.17
C ASN A 347 9.63 8.91 -36.29
N THR A 348 9.54 10.24 -36.38
CA THR A 348 10.71 11.11 -36.49
C THR A 348 11.59 11.07 -35.25
N GLU A 349 10.97 10.82 -34.10
CA GLU A 349 11.72 10.67 -32.84
C GLU A 349 12.44 9.33 -32.80
N TRP A 350 11.78 8.23 -33.19
CA TRP A 350 12.47 6.95 -33.31
C TRP A 350 13.72 7.09 -34.20
N ASP A 351 13.53 7.66 -35.38
CA ASP A 351 14.65 7.91 -36.30
C ASP A 351 15.75 8.79 -35.71
N VAL A 352 15.39 9.92 -35.09
CA VAL A 352 16.43 10.86 -34.65
C VAL A 352 17.30 10.27 -33.51
N GLN A 353 16.68 9.46 -32.64
CA GLN A 353 17.49 8.78 -31.61
C GLN A 353 18.27 7.62 -32.22
N ARG A 354 17.61 6.74 -32.97
CA ARG A 354 18.28 5.54 -33.47
C ARG A 354 19.45 5.89 -34.41
N VAL A 355 19.23 6.80 -35.35
CA VAL A 355 20.25 7.02 -36.41
C VAL A 355 21.50 7.65 -35.82
N ASN A 356 21.30 8.65 -34.98
CA ASN A 356 22.43 9.30 -34.34
C ASN A 356 23.25 8.34 -33.44
N TYR A 357 22.55 7.52 -32.64
CA TYR A 357 23.29 6.55 -31.84
C TYR A 357 23.99 5.49 -32.69
N GLU A 358 23.34 5.02 -33.76
CA GLU A 358 24.04 4.07 -34.65
C GLU A 358 25.37 4.69 -35.17
N ARG A 359 25.37 5.97 -35.54
CA ARG A 359 26.61 6.63 -36.04
C ARG A 359 27.69 6.69 -34.96
N LEU A 360 27.28 6.99 -33.73
CA LEU A 360 28.20 6.99 -32.58
C LEU A 360 28.74 5.58 -32.32
N PHE A 361 27.90 4.56 -32.27
CA PHE A 361 28.38 3.18 -32.03
C PHE A 361 29.38 2.78 -33.14
N GLU A 362 29.00 3.06 -34.40
CA GLU A 362 29.88 2.64 -35.48
C GLU A 362 31.30 3.28 -35.32
N HIS A 363 31.37 4.58 -35.03
CA HIS A 363 32.66 5.22 -34.82
C HIS A 363 33.36 4.65 -33.59
N ILE A 364 32.67 4.67 -32.45
CA ILE A 364 33.30 4.27 -31.19
C ILE A 364 33.79 2.87 -31.24
N ASN A 365 32.98 1.94 -31.75
CA ASN A 365 33.36 0.53 -31.74
C ASN A 365 34.55 0.25 -32.68
N SER A 366 34.75 1.13 -33.66
CA SER A 366 35.80 0.92 -34.68
C SER A 366 37.13 1.65 -34.33
N GLN A 367 37.11 2.49 -33.32
CA GLN A 367 38.28 3.21 -32.86
C GLN A 367 38.84 2.50 -31.65
N ALA A 368 39.88 1.70 -31.85
CA ALA A 368 40.45 0.89 -30.75
C ALA A 368 40.85 1.73 -29.53
N HIS A 369 41.36 2.95 -29.76
CA HIS A 369 41.84 3.79 -28.66
C HIS A 369 40.78 4.04 -27.56
N PHE A 370 39.48 3.92 -27.91
CA PHE A 370 38.44 4.10 -26.88
C PHE A 370 38.34 2.87 -25.98
N ASN A 371 38.66 1.68 -26.53
CA ASN A 371 38.50 0.38 -25.86
C ASN A 371 37.09 0.20 -25.27
N VAL A 372 36.10 0.54 -26.11
CA VAL A 372 34.66 0.42 -25.79
C VAL A 372 33.94 -0.39 -26.83
N GLN A 373 32.98 -1.18 -26.41
CA GLN A 373 32.03 -1.80 -27.33
C GLN A 373 30.62 -1.37 -26.85
N ALA A 374 29.95 -0.55 -27.64
CA ALA A 374 28.64 0.01 -27.28
C ALA A 374 27.57 -0.48 -28.23
N GLN A 375 26.37 -0.70 -27.68
CA GLN A 375 25.24 -1.18 -28.48
C GLN A 375 23.93 -0.89 -27.74
N PHE A 376 22.83 -0.90 -28.48
CA PHE A 376 21.53 -0.96 -27.82
C PHE A 376 21.40 -2.30 -27.13
N GLY A 377 20.73 -2.27 -25.99
CA GLY A 377 20.54 -3.51 -25.23
C GLY A 377 19.27 -3.44 -24.41
N THR A 378 18.94 -4.57 -23.80
CA THR A 378 17.86 -4.60 -22.80
C THR A 378 18.39 -4.68 -21.37
N LEU A 379 17.46 -4.58 -20.43
CA LEU A 379 17.83 -4.60 -19.02
C LEU A 379 18.41 -5.95 -18.63
N GLN A 380 17.74 -7.03 -19.07
CA GLN A 380 18.22 -8.39 -18.83
C GLN A 380 19.63 -8.62 -19.43
N GLU A 381 19.88 -8.09 -20.62
CA GLU A 381 21.21 -8.16 -21.20
C GLU A 381 22.27 -7.54 -20.30
N TYR A 382 21.96 -6.37 -19.76
CA TYR A 382 22.88 -5.69 -18.88
C TYR A 382 23.17 -6.59 -17.67
N PHE A 383 22.11 -7.03 -16.99
CA PHE A 383 22.31 -7.88 -15.81
C PHE A 383 23.07 -9.17 -16.10
N ASP A 384 22.75 -9.80 -17.24
CA ASP A 384 23.45 -11.05 -17.57
C ASP A 384 24.95 -10.83 -17.72
N ALA A 385 25.32 -9.71 -18.31
CA ALA A 385 26.73 -9.45 -18.56
C ALA A 385 27.42 -9.07 -17.23
N VAL A 386 26.72 -8.31 -16.38
CA VAL A 386 27.25 -8.00 -15.05
C VAL A 386 27.59 -9.31 -14.31
N HIS A 387 26.66 -10.25 -14.30
CA HIS A 387 26.90 -11.49 -13.59
C HIS A 387 27.93 -12.37 -14.27
N GLN A 388 28.05 -12.25 -15.59
CA GLN A 388 29.19 -12.95 -16.27
C GLN A 388 30.54 -12.38 -15.77
N ALA A 389 30.60 -11.06 -15.59
CA ALA A 389 31.80 -10.38 -15.09
C ALA A 389 32.10 -10.80 -13.64
N GLU A 390 31.05 -10.88 -12.83
CA GLU A 390 31.14 -11.38 -11.45
C GLU A 390 31.69 -12.83 -11.39
N ARG A 391 31.10 -13.73 -12.18
CA ARG A 391 31.58 -15.13 -12.24
C ARG A 391 33.04 -15.23 -12.76
N ALA A 392 33.45 -14.30 -13.60
CA ALA A 392 34.82 -14.27 -14.12
C ALA A 392 35.80 -13.78 -13.03
N GLY A 393 35.26 -13.43 -11.86
CA GLY A 393 36.03 -12.99 -10.72
C GLY A 393 36.43 -11.54 -10.77
N GLN A 394 35.74 -10.77 -11.60
CA GLN A 394 36.14 -9.38 -11.78
C GLN A 394 35.53 -8.41 -10.74
N ALA A 395 34.55 -8.89 -9.96
CA ALA A 395 33.90 -8.09 -8.91
C ALA A 395 33.22 -8.96 -7.84
N GLU A 396 33.14 -8.47 -6.62
CA GLU A 396 32.28 -9.06 -5.59
C GLU A 396 31.38 -7.95 -5.11
N PHE A 397 30.15 -8.27 -4.80
CA PHE A 397 29.22 -7.19 -4.50
C PHE A 397 28.92 -7.13 -2.99
N PRO A 398 28.71 -5.95 -2.45
CA PRO A 398 28.40 -5.85 -1.02
C PRO A 398 26.95 -6.28 -0.70
N THR A 399 26.69 -6.58 0.58
CA THR A 399 25.35 -6.92 1.06
C THR A 399 24.75 -5.66 1.72
N LEU A 400 23.43 -5.51 1.65
CA LEU A 400 22.79 -4.31 2.16
C LEU A 400 21.46 -4.72 2.75
N SER A 401 21.12 -4.09 3.88
CA SER A 401 19.72 -4.17 4.35
C SER A 401 19.24 -2.78 4.73
N GLY A 402 17.91 -2.62 4.77
CA GLY A 402 17.27 -1.36 5.20
C GLY A 402 16.39 -0.86 4.06
N ASP A 403 15.98 0.41 4.14
CA ASP A 403 15.08 1.00 3.13
C ASP A 403 15.65 2.31 2.62
N PHE A 404 14.93 2.94 1.71
CA PHE A 404 15.34 4.22 1.10
C PHE A 404 14.22 5.25 1.22
N PHE A 405 13.75 5.42 2.46
CA PHE A 405 12.85 6.52 2.80
C PHE A 405 13.55 7.31 3.91
N THR A 406 13.31 8.60 4.02
CA THR A 406 12.47 9.38 3.14
C THR A 406 13.33 10.09 2.08
N TYR A 407 12.88 10.00 0.83
CA TYR A 407 13.59 10.51 -0.35
C TYR A 407 13.67 12.03 -0.31
N ALA A 408 14.82 12.59 -0.69
CA ALA A 408 14.90 14.00 -1.08
C ALA A 408 15.70 14.05 -2.36
N ASP A 409 15.21 14.80 -3.34
CA ASP A 409 15.90 14.92 -4.61
C ASP A 409 16.86 16.12 -4.64
N ARG A 410 16.68 17.07 -3.74
CA ARG A 410 17.57 18.24 -3.66
C ARG A 410 17.36 19.01 -2.37
N SER A 411 18.39 19.69 -1.90
CA SER A 411 18.35 20.51 -0.68
C SER A 411 17.53 19.91 0.47
N ASP A 412 16.54 20.64 0.98
CA ASP A 412 15.70 20.12 2.06
C ASP A 412 14.33 19.63 1.53
N ASN A 413 14.23 19.35 0.22
CA ASN A 413 12.94 18.97 -0.39
C ASN A 413 12.70 17.45 -0.20
N TYR A 414 12.21 17.09 0.99
CA TYR A 414 11.88 15.69 1.35
C TYR A 414 10.44 15.36 0.91
N TRP A 415 10.28 14.19 0.27
CA TRP A 415 9.01 13.86 -0.32
C TRP A 415 8.17 13.08 0.69
N SER A 416 7.89 13.70 1.84
CA SER A 416 7.06 13.05 2.85
C SER A 416 5.59 13.51 2.77
N GLY A 417 5.30 14.47 1.92
CA GLY A 417 3.93 15.01 1.83
C GLY A 417 2.99 13.91 1.28
N TYR A 418 3.48 13.16 0.30
CA TYR A 418 2.64 12.17 -0.40
C TYR A 418 2.32 10.93 0.46
N TYR A 419 2.89 10.86 1.68
CA TYR A 419 2.51 9.82 2.62
C TYR A 419 1.09 10.06 3.11
N THR A 420 0.59 11.28 2.87
CA THR A 420 -0.75 11.69 3.33
C THR A 420 -1.66 12.25 2.25
N SER A 421 -1.13 12.77 1.12
CA SER A 421 -1.98 13.48 0.17
C SER A 421 -3.15 12.63 -0.30
N ARG A 422 -4.32 13.24 -0.44
CA ARG A 422 -5.55 12.54 -0.86
C ARG A 422 -5.86 11.33 0.03
N PRO A 423 -6.04 11.61 1.32
CA PRO A 423 -6.22 10.53 2.29
C PRO A 423 -7.50 9.74 2.10
N TYR A 424 -8.49 10.34 1.45
CA TYR A 424 -9.77 9.64 1.24
C TYR A 424 -9.49 8.40 0.40
N HIS A 425 -8.66 8.54 -0.64
CA HIS A 425 -8.39 7.40 -1.56
C HIS A 425 -7.39 6.42 -1.01
N LYS A 426 -6.47 6.95 -0.18
CA LYS A 426 -5.62 6.11 0.64
C LYS A 426 -6.42 5.13 1.50
N ARG A 427 -7.51 5.62 2.11
CA ARG A 427 -8.35 4.74 2.94
C ARG A 427 -9.14 3.82 2.01
N MET A 428 -9.65 4.37 0.91
CA MET A 428 -10.42 3.55 -0.06
C MET A 428 -9.60 2.34 -0.54
N ASP A 429 -8.30 2.57 -0.73
CA ASP A 429 -7.38 1.49 -1.12
C ASP A 429 -7.45 0.33 -0.16
N ARG A 430 -7.44 0.61 1.15
CA ARG A 430 -7.44 -0.49 2.12
C ARG A 430 -8.78 -1.20 2.15
N VAL A 431 -9.86 -0.46 1.93
CA VAL A 431 -11.20 -1.08 1.90
C VAL A 431 -11.31 -2.02 0.67
N LEU A 432 -10.97 -1.51 -0.50
CA LEU A 432 -10.98 -2.37 -1.70
C LEU A 432 -9.98 -3.54 -1.57
N MET A 433 -8.84 -3.32 -0.92
CA MET A 433 -7.89 -4.41 -0.72
C MET A 433 -8.65 -5.61 -0.10
N HIS A 434 -9.43 -5.32 0.94
CA HIS A 434 -10.12 -6.35 1.69
C HIS A 434 -11.29 -6.96 0.91
N TYR A 435 -12.04 -6.12 0.19
CA TYR A 435 -13.21 -6.62 -0.57
C TYR A 435 -12.71 -7.51 -1.73
N VAL A 436 -11.55 -7.17 -2.31
CA VAL A 436 -11.00 -8.07 -3.35
C VAL A 436 -10.66 -9.44 -2.75
N ARG A 437 -9.97 -9.44 -1.61
CA ARG A 437 -9.61 -10.72 -1.01
C ARG A 437 -10.91 -11.49 -0.71
N ALA A 438 -11.90 -10.83 -0.11
CA ALA A 438 -13.09 -11.55 0.35
C ALA A 438 -13.89 -12.12 -0.84
N ALA A 439 -13.95 -11.35 -1.91
CA ALA A 439 -14.70 -11.77 -3.08
C ALA A 439 -14.00 -12.97 -3.74
N GLU A 440 -12.69 -12.89 -3.87
CA GLU A 440 -11.97 -14.00 -4.48
C GLU A 440 -12.06 -15.26 -3.61
N MET A 441 -11.98 -15.05 -2.31
CA MET A 441 -12.08 -16.16 -1.37
C MET A 441 -13.45 -16.81 -1.42
N LEU A 442 -14.49 -16.01 -1.23
CA LEU A 442 -15.87 -16.55 -1.14
C LEU A 442 -16.26 -17.30 -2.41
N SER A 443 -15.84 -16.77 -3.55
CA SER A 443 -16.22 -17.41 -4.81
C SER A 443 -15.32 -18.59 -5.19
N ALA A 444 -14.15 -18.72 -4.55
CA ALA A 444 -13.21 -19.81 -4.84
C ALA A 444 -13.75 -21.18 -4.47
N TRP A 445 -14.70 -21.23 -3.54
CA TRP A 445 -15.14 -22.54 -3.02
C TRP A 445 -15.89 -23.33 -4.09
N HIS A 446 -16.46 -22.65 -5.07
CA HIS A 446 -17.16 -23.35 -6.15
C HIS A 446 -16.57 -22.98 -7.51
N SER A 447 -16.89 -23.84 -8.48
CA SER A 447 -16.73 -23.54 -9.88
C SER A 447 -18.04 -22.86 -10.35
N TRP A 448 -17.91 -21.79 -11.16
CA TRP A 448 -19.10 -21.02 -11.54
C TRP A 448 -19.32 -21.10 -13.02
N ASP A 449 -20.58 -21.27 -13.42
CA ASP A 449 -20.98 -21.12 -14.80
C ASP A 449 -20.58 -19.78 -15.38
N GLY A 450 -20.16 -19.80 -16.64
CA GLY A 450 -19.76 -18.57 -17.33
C GLY A 450 -20.82 -17.49 -17.25
N MET A 451 -22.08 -17.92 -17.16
CA MET A 451 -23.16 -16.98 -17.14
C MET A 451 -23.23 -16.17 -15.88
N ALA A 452 -22.56 -16.67 -14.86
CA ALA A 452 -22.53 -16.00 -13.55
C ALA A 452 -21.66 -14.75 -13.56
N ARG A 453 -20.79 -14.64 -14.57
CA ARG A 453 -19.90 -13.45 -14.74
C ARG A 453 -19.00 -13.22 -13.51
N ILE A 454 -18.67 -14.29 -12.82
CA ILE A 454 -17.80 -14.21 -11.64
C ILE A 454 -16.37 -13.83 -12.06
N GLU A 455 -15.79 -14.57 -13.00
CA GLU A 455 -14.40 -14.27 -13.43
C GLU A 455 -14.32 -12.85 -13.96
N GLU A 456 -15.36 -12.45 -14.70
CA GLU A 456 -15.42 -11.14 -15.32
C GLU A 456 -15.36 -10.04 -14.26
N ARG A 457 -16.23 -10.15 -13.25
CA ARG A 457 -16.28 -9.13 -12.18
C ARG A 457 -14.99 -9.10 -11.36
N LEU A 458 -14.42 -10.27 -11.09
CA LEU A 458 -13.15 -10.33 -10.29
C LEU A 458 -12.00 -9.74 -11.07
N GLU A 459 -11.96 -10.00 -12.38
CA GLU A 459 -10.90 -9.38 -13.17
C GLU A 459 -10.98 -7.84 -13.17
N GLN A 460 -12.19 -7.28 -13.31
CA GLN A 460 -12.36 -5.82 -13.26
C GLN A 460 -11.87 -5.31 -11.87
N ALA A 461 -12.29 -6.00 -10.81
CA ALA A 461 -11.94 -5.53 -9.46
C ALA A 461 -10.40 -5.54 -9.25
N ARG A 462 -9.76 -6.65 -9.64
CA ARG A 462 -8.32 -6.78 -9.45
C ARG A 462 -7.59 -5.69 -10.26
N ARG A 463 -8.06 -5.46 -11.49
CA ARG A 463 -7.37 -4.47 -12.33
C ARG A 463 -7.55 -3.04 -11.85
N GLU A 464 -8.74 -2.65 -11.36
CA GLU A 464 -8.90 -1.27 -10.92
C GLU A 464 -8.09 -1.07 -9.65
N LEU A 465 -8.10 -2.04 -8.74
CA LEU A 465 -7.23 -1.89 -7.54
C LEU A 465 -5.74 -1.86 -7.92
N SER A 466 -5.38 -2.71 -8.89
CA SER A 466 -3.99 -2.80 -9.32
C SER A 466 -3.57 -1.48 -9.94
N LEU A 467 -4.43 -0.88 -10.76
CA LEU A 467 -4.10 0.41 -11.39
C LEU A 467 -3.80 1.46 -10.34
N PHE A 468 -4.58 1.45 -9.26
CA PHE A 468 -4.40 2.50 -8.22
C PHE A 468 -3.07 2.36 -7.44
N GLN A 469 -2.41 1.20 -7.50
CA GLN A 469 -1.10 1.08 -6.89
C GLN A 469 -0.02 1.95 -7.56
N HIS A 470 -0.34 2.46 -8.74
CA HIS A 470 0.57 3.34 -9.50
C HIS A 470 1.13 4.46 -8.58
N HIS A 471 2.36 4.93 -8.88
CA HIS A 471 3.01 5.94 -8.07
C HIS A 471 2.47 7.37 -8.30
N ASP A 472 1.33 7.49 -9.03
CA ASP A 472 0.51 8.72 -8.95
C ASP A 472 -0.92 8.45 -8.52
N GLY A 473 -1.21 7.20 -8.16
CA GLY A 473 -2.54 6.84 -7.68
C GLY A 473 -2.67 6.97 -6.18
N ILE A 474 -2.33 5.88 -5.49
CA ILE A 474 -2.42 5.86 -4.02
C ILE A 474 -1.58 6.97 -3.37
N THR A 475 -0.53 7.43 -4.08
CA THR A 475 0.35 8.53 -3.56
C THR A 475 -0.37 9.89 -3.42
N GLY A 476 -1.51 10.04 -4.11
CA GLY A 476 -2.30 11.26 -4.06
C GLY A 476 -1.58 12.39 -4.80
N THR A 477 -0.88 12.06 -5.86
CA THR A 477 -0.13 13.06 -6.59
C THR A 477 -0.57 13.17 -8.05
N ALA A 478 -1.84 12.89 -8.32
CA ALA A 478 -2.42 13.12 -9.65
C ALA A 478 -3.31 14.38 -9.70
N LYS A 479 -3.64 14.84 -10.90
CA LYS A 479 -4.55 15.98 -11.04
C LYS A 479 -5.94 15.62 -10.56
N THR A 480 -6.72 16.63 -10.18
CA THR A 480 -8.05 16.42 -9.66
C THR A 480 -8.89 15.48 -10.51
N HIS A 481 -8.93 15.68 -11.84
CA HIS A 481 -9.82 14.86 -12.62
C HIS A 481 -9.37 13.41 -12.76
N VAL A 482 -8.06 13.22 -12.54
CA VAL A 482 -7.45 11.88 -12.61
C VAL A 482 -7.77 11.17 -11.28
N VAL A 483 -7.65 11.91 -10.17
CA VAL A 483 -8.11 11.35 -8.89
C VAL A 483 -9.56 10.85 -8.96
N VAL A 484 -10.42 11.64 -9.62
CA VAL A 484 -11.82 11.27 -9.81
C VAL A 484 -11.93 9.98 -10.62
N ASP A 485 -11.13 9.88 -11.69
CA ASP A 485 -11.14 8.65 -12.49
C ASP A 485 -10.76 7.44 -11.63
N TYR A 486 -9.70 7.55 -10.82
CA TYR A 486 -9.33 6.39 -10.00
C TYR A 486 -10.45 6.04 -9.03
N GLU A 487 -11.05 7.07 -8.42
CA GLU A 487 -12.14 6.82 -7.47
C GLU A 487 -13.32 6.11 -8.13
N GLN A 488 -13.72 6.58 -9.33
CA GLN A 488 -14.85 5.95 -10.04
C GLN A 488 -14.53 4.53 -10.36
N ARG A 489 -13.29 4.29 -10.82
CA ARG A 489 -12.86 2.93 -11.13
C ARG A 489 -12.90 2.05 -9.86
N MET A 490 -12.44 2.58 -8.72
CA MET A 490 -12.50 1.76 -7.50
C MET A 490 -13.94 1.54 -7.04
N GLN A 491 -14.80 2.52 -7.25
CA GLN A 491 -16.21 2.34 -6.85
C GLN A 491 -16.83 1.21 -7.66
N GLU A 492 -16.54 1.18 -8.96
CA GLU A 492 -17.03 0.07 -9.78
C GLU A 492 -16.45 -1.26 -9.26
N ALA A 493 -15.16 -1.28 -8.90
CA ALA A 493 -14.56 -2.52 -8.34
C ALA A 493 -15.25 -2.99 -7.03
N LEU A 494 -15.52 -2.03 -6.12
CA LEU A 494 -16.27 -2.36 -4.89
C LEU A 494 -17.63 -3.02 -5.22
N LYS A 495 -18.35 -2.47 -6.18
CA LYS A 495 -19.67 -3.04 -6.61
C LYS A 495 -19.51 -4.42 -7.22
N ALA A 496 -18.46 -4.60 -8.02
CA ALA A 496 -18.13 -5.93 -8.55
C ALA A 496 -17.87 -6.93 -7.41
N CYS A 497 -17.12 -6.50 -6.40
CA CYS A 497 -16.80 -7.40 -5.28
C CYS A 497 -18.09 -7.75 -4.55
N GLN A 498 -18.95 -6.75 -4.33
CA GLN A 498 -20.18 -7.01 -3.58
C GLN A 498 -21.00 -8.05 -4.32
N MET A 499 -21.15 -7.88 -5.65
CA MET A 499 -21.99 -8.82 -6.46
C MET A 499 -21.46 -10.27 -6.31
N VAL A 500 -20.14 -10.43 -6.44
CA VAL A 500 -19.52 -11.76 -6.29
C VAL A 500 -19.70 -12.31 -4.90
N MET A 501 -19.40 -11.49 -3.90
CA MET A 501 -19.55 -11.90 -2.51
C MET A 501 -20.97 -12.35 -2.20
N GLN A 502 -21.98 -11.56 -2.57
CA GLN A 502 -23.34 -11.94 -2.16
C GLN A 502 -23.87 -13.17 -2.95
N GLN A 503 -23.56 -13.29 -4.25
CA GLN A 503 -23.90 -14.56 -4.96
C GLN A 503 -23.25 -15.74 -4.26
N SER A 504 -21.98 -15.57 -3.82
CA SER A 504 -21.24 -16.65 -3.16
C SER A 504 -21.90 -17.08 -1.87
N VAL A 505 -22.22 -16.08 -1.03
CA VAL A 505 -22.92 -16.36 0.25
C VAL A 505 -24.27 -17.13 0.01
N TYR A 506 -25.05 -16.69 -0.95
CA TYR A 506 -26.35 -17.34 -1.19
C TYR A 506 -26.15 -18.81 -1.62
N ARG A 507 -25.15 -19.05 -2.46
CA ARG A 507 -24.79 -20.40 -2.83
C ARG A 507 -24.27 -21.26 -1.66
N LEU A 508 -23.42 -20.66 -0.84
CA LEU A 508 -22.83 -21.42 0.23
C LEU A 508 -23.84 -21.75 1.34
N LEU A 509 -24.93 -21.00 1.45
CA LEU A 509 -25.79 -21.13 2.63
C LEU A 509 -27.24 -21.48 2.29
N THR A 510 -27.47 -21.99 1.06
CA THR A 510 -28.80 -22.44 0.65
C THR A 510 -28.74 -23.93 0.36
N LYS A 511 -29.72 -24.66 0.88
CA LYS A 511 -29.82 -26.11 0.60
C LYS A 511 -29.66 -26.35 -0.89
N PRO A 512 -28.74 -27.22 -1.31
CA PRO A 512 -28.42 -27.34 -2.74
C PRO A 512 -29.60 -27.69 -3.67
N SER A 513 -30.52 -28.54 -3.24
CA SER A 513 -31.66 -28.85 -4.12
C SER A 513 -32.73 -27.75 -4.22
N ILE A 514 -32.61 -26.67 -3.43
CA ILE A 514 -33.51 -25.50 -3.45
C ILE A 514 -32.80 -24.34 -4.19
N TYR A 515 -31.47 -24.33 -4.15
CA TYR A 515 -30.69 -23.23 -4.75
C TYR A 515 -31.01 -22.97 -6.23
N SER A 516 -31.47 -21.76 -6.53
CA SER A 516 -31.95 -21.41 -7.87
C SER A 516 -31.52 -19.99 -8.29
N PRO A 517 -30.26 -19.81 -8.64
CA PRO A 517 -29.71 -18.45 -8.73
C PRO A 517 -30.13 -17.66 -9.97
N ASP A 518 -30.47 -16.40 -9.76
CA ASP A 518 -30.50 -15.42 -10.85
C ASP A 518 -29.20 -14.61 -10.66
N PHE A 519 -28.31 -14.67 -11.66
CA PHE A 519 -26.97 -14.13 -11.46
C PHE A 519 -26.90 -12.61 -11.52
N SER A 520 -28.01 -11.96 -11.84
CA SER A 520 -28.09 -10.50 -11.83
C SER A 520 -28.74 -10.01 -10.53
N PHE A 521 -29.28 -10.94 -9.73
CA PHE A 521 -30.11 -10.57 -8.58
C PHE A 521 -29.26 -10.34 -7.32
N SER A 522 -29.70 -9.38 -6.48
CA SER A 522 -29.08 -9.09 -5.18
C SER A 522 -29.78 -9.83 -4.05
N TYR A 523 -29.26 -10.99 -3.71
CA TYR A 523 -29.79 -11.75 -2.60
C TYR A 523 -29.42 -11.11 -1.27
N PHE A 524 -28.23 -10.49 -1.21
CA PHE A 524 -27.79 -9.77 -0.02
C PHE A 524 -27.21 -8.41 -0.38
N THR A 525 -27.34 -7.44 0.52
CA THR A 525 -26.54 -6.22 0.36
C THR A 525 -25.47 -6.20 1.44
N LEU A 526 -24.28 -5.73 1.09
CA LEU A 526 -23.24 -5.56 2.11
C LEU A 526 -23.55 -4.37 3.02
N ASP A 527 -23.28 -4.51 4.32
CA ASP A 527 -23.41 -3.39 5.24
C ASP A 527 -22.03 -3.12 5.76
N ASP A 528 -21.53 -1.90 5.58
CA ASP A 528 -20.18 -1.58 6.02
C ASP A 528 -20.29 -0.34 6.91
N SER A 529 -19.89 -0.53 8.17
CA SER A 529 -19.95 0.51 9.20
C SER A 529 -18.85 1.57 9.11
N ARG A 530 -17.78 1.28 8.38
CA ARG A 530 -16.63 2.19 8.39
C ARG A 530 -16.26 2.78 7.04
N TRP A 531 -17.02 2.43 6.00
CA TRP A 531 -16.70 2.99 4.67
C TRP A 531 -18.02 3.14 3.89
N PRO A 532 -18.28 4.31 3.32
CA PRO A 532 -17.42 5.52 3.45
C PRO A 532 -17.38 6.12 4.84
N GLY A 533 -18.33 5.71 5.68
CA GLY A 533 -18.37 6.11 7.07
C GLY A 533 -19.50 7.07 7.38
N SER A 534 -19.90 7.04 8.65
CA SER A 534 -20.92 7.95 9.20
C SER A 534 -20.38 9.35 9.05
N GLY A 535 -21.20 10.24 8.51
CA GLY A 535 -20.78 11.61 8.26
C GLY A 535 -20.02 11.80 6.96
N VAL A 536 -19.75 10.70 6.24
CA VAL A 536 -19.11 10.84 4.93
C VAL A 536 -20.18 10.61 3.83
N GLU A 537 -20.85 9.47 3.90
CA GLU A 537 -21.96 9.17 2.97
C GLU A 537 -23.08 8.48 3.75
N ASP A 538 -24.29 9.01 3.66
CA ASP A 538 -25.44 8.30 4.21
C ASP A 538 -25.82 7.15 3.28
N SER A 539 -25.22 5.99 3.47
CA SER A 539 -25.43 4.93 2.48
C SER A 539 -25.80 3.53 3.01
N ARG A 540 -25.72 3.36 4.33
CA ARG A 540 -26.12 2.11 4.98
C ARG A 540 -27.63 1.95 4.92
N THR A 541 -28.11 0.75 4.65
CA THR A 541 -29.52 0.49 4.63
C THR A 541 -29.97 0.12 6.04
N THR A 542 -31.17 0.57 6.40
CA THR A 542 -31.80 0.19 7.64
C THR A 542 -32.55 -1.11 7.43
N ILE A 543 -32.46 -2.04 8.38
CA ILE A 543 -33.29 -3.23 8.35
C ILE A 543 -34.66 -2.78 8.88
N ILE A 544 -35.66 -2.82 8.00
CA ILE A 544 -36.99 -2.31 8.36
C ILE A 544 -37.88 -3.49 8.78
N LEU A 545 -38.20 -3.49 10.07
CA LEU A 545 -39.02 -4.53 10.69
C LEU A 545 -40.28 -3.90 11.22
N GLY A 546 -41.35 -4.68 11.31
CA GLY A 546 -42.57 -4.16 11.88
C GLY A 546 -43.68 -5.17 11.79
N GLU A 547 -44.61 -5.11 12.72
CA GLU A 547 -45.68 -6.11 12.76
C GLU A 547 -46.49 -6.19 11.47
N ASP A 548 -46.64 -5.04 10.83
CA ASP A 548 -47.46 -4.96 9.63
C ASP A 548 -46.61 -4.99 8.36
N ILE A 549 -45.34 -5.39 8.49
CA ILE A 549 -44.49 -5.47 7.28
C ILE A 549 -43.59 -6.68 7.23
N LEU A 550 -42.88 -6.95 8.33
CA LEU A 550 -41.82 -7.95 8.32
C LEU A 550 -41.31 -8.16 9.72
N PRO A 551 -41.58 -9.33 10.31
CA PRO A 551 -41.16 -9.58 11.68
C PRO A 551 -39.65 -9.77 11.91
N SER A 552 -38.93 -10.29 10.92
CA SER A 552 -37.54 -10.69 11.19
C SER A 552 -36.70 -10.62 9.93
N LYS A 553 -35.38 -10.64 10.12
CA LYS A 553 -34.45 -10.49 9.02
C LYS A 553 -33.20 -11.34 9.29
N HIS A 554 -32.78 -12.13 8.31
CA HIS A 554 -31.52 -12.88 8.39
C HIS A 554 -30.33 -11.98 7.96
N VAL A 555 -29.24 -12.07 8.71
CA VAL A 555 -27.96 -11.42 8.39
C VAL A 555 -26.88 -12.48 8.42
N VAL A 556 -25.79 -12.30 7.64
CA VAL A 556 -24.75 -13.33 7.55
C VAL A 556 -23.42 -12.62 7.69
N MET A 557 -22.55 -13.17 8.53
CA MET A 557 -21.16 -12.64 8.62
C MET A 557 -20.19 -13.56 7.96
N HIS A 558 -19.23 -12.98 7.27
CA HIS A 558 -18.10 -13.70 6.68
C HIS A 558 -16.80 -13.36 7.39
N ASN A 559 -15.97 -14.38 7.64
CA ASN A 559 -14.66 -14.19 8.28
C ASN A 559 -13.56 -14.63 7.33
N THR A 560 -12.88 -13.69 6.66
CA THR A 560 -11.81 -14.10 5.73
C THR A 560 -10.54 -14.73 6.36
N LEU A 561 -10.33 -14.50 7.66
CA LEU A 561 -9.14 -15.01 8.33
C LEU A 561 -9.28 -16.49 8.68
N PRO A 562 -8.17 -17.22 8.63
CA PRO A 562 -8.19 -18.67 8.87
C PRO A 562 -8.15 -19.05 10.37
N HIS A 563 -8.90 -18.31 11.20
CA HIS A 563 -9.11 -18.73 12.56
C HIS A 563 -10.46 -18.29 13.01
N TRP A 564 -11.05 -18.99 13.99
CA TRP A 564 -12.33 -18.57 14.53
C TRP A 564 -12.22 -17.13 15.03
N ARG A 565 -13.27 -16.37 14.78
CA ARG A 565 -13.27 -15.00 15.24
C ARG A 565 -14.62 -14.64 15.84
N GLU A 566 -14.56 -14.01 17.00
CA GLU A 566 -15.70 -13.33 17.58
C GLU A 566 -15.41 -11.84 17.41
N GLN A 567 -16.43 -11.04 17.10
CA GLN A 567 -16.21 -9.60 16.92
C GLN A 567 -17.59 -9.00 17.03
N LEU A 568 -17.71 -7.87 17.73
CA LEU A 568 -18.97 -7.10 17.66
C LEU A 568 -19.27 -6.65 16.24
N VAL A 569 -20.49 -6.87 15.79
CA VAL A 569 -20.98 -6.30 14.54
C VAL A 569 -22.22 -5.45 14.83
N ASP A 570 -22.46 -4.44 14.01
CA ASP A 570 -23.62 -3.59 14.20
C ASP A 570 -24.46 -3.43 12.93
N PHE A 571 -25.77 -3.29 13.10
CA PHE A 571 -26.67 -3.02 12.00
C PHE A 571 -27.58 -1.84 12.34
N TYR A 572 -28.04 -1.10 11.33
CA TYR A 572 -29.17 -0.20 11.54
C TYR A 572 -30.50 -0.91 11.47
N VAL A 573 -31.37 -0.65 12.43
CA VAL A 573 -32.72 -1.24 12.46
C VAL A 573 -33.75 -0.15 12.73
N SER A 574 -34.98 -0.41 12.33
CA SER A 574 -36.06 0.60 12.39
C SER A 574 -36.82 0.63 13.74
N SER A 575 -36.42 -0.20 14.69
CA SER A 575 -37.00 -0.21 16.03
C SER A 575 -35.91 -0.52 17.05
N PRO A 576 -35.97 0.07 18.25
CA PRO A 576 -35.03 -0.31 19.31
C PRO A 576 -35.36 -1.68 19.92
N PHE A 577 -36.54 -2.22 19.61
CA PHE A 577 -36.97 -3.45 20.27
C PHE A 577 -36.70 -4.66 19.37
N VAL A 578 -35.41 -5.00 19.28
CA VAL A 578 -34.94 -6.05 18.39
C VAL A 578 -34.10 -7.02 19.20
N SER A 579 -34.27 -8.30 18.93
CA SER A 579 -33.44 -9.27 19.59
C SER A 579 -32.79 -10.18 18.59
N VAL A 580 -31.68 -10.77 19.00
CA VAL A 580 -30.82 -11.51 18.10
C VAL A 580 -30.81 -12.97 18.54
N THR A 581 -30.90 -13.87 17.55
CA THR A 581 -30.68 -15.29 17.75
C THR A 581 -29.69 -15.83 16.72
N ASP A 582 -29.06 -16.96 17.02
CA ASP A 582 -28.31 -17.72 16.01
C ASP A 582 -29.22 -18.68 15.21
N LEU A 583 -28.72 -19.51 14.28
CA LEU A 583 -29.74 -20.28 13.51
C LEU A 583 -30.18 -21.56 14.26
N ALA A 584 -29.61 -21.77 15.45
CA ALA A 584 -30.26 -22.73 16.35
C ALA A 584 -31.26 -22.08 17.31
N ASN A 585 -31.57 -20.80 17.06
CA ASN A 585 -32.54 -20.04 17.85
C ASN A 585 -32.02 -19.81 19.26
N ASN A 586 -30.72 -19.91 19.50
CA ASN A 586 -30.14 -19.52 20.79
C ASN A 586 -30.13 -18.00 20.87
N PRO A 587 -30.63 -17.41 21.96
CA PRO A 587 -30.54 -15.96 22.15
C PRO A 587 -29.09 -15.50 22.15
N VAL A 588 -28.85 -14.30 21.60
CA VAL A 588 -27.51 -13.71 21.57
C VAL A 588 -27.64 -12.33 22.25
N GLU A 589 -26.78 -12.06 23.22
N GLU A 589 -26.78 -12.05 23.22
CA GLU A 589 -26.82 -10.78 23.92
CA GLU A 589 -26.85 -10.78 23.94
C GLU A 589 -26.60 -9.64 22.92
C GLU A 589 -26.57 -9.62 22.99
N ALA A 590 -27.42 -8.60 23.03
CA ALA A 590 -27.27 -7.46 22.13
C ALA A 590 -27.36 -6.16 22.87
N GLN A 591 -26.90 -5.10 22.23
CA GLN A 591 -27.02 -3.76 22.79
C GLN A 591 -27.59 -2.87 21.68
N VAL A 592 -28.52 -1.99 22.05
CA VAL A 592 -29.00 -0.97 21.12
C VAL A 592 -28.54 0.40 21.59
N SER A 593 -28.02 1.17 20.64
CA SER A 593 -27.65 2.59 20.83
C SER A 593 -28.38 3.43 19.82
N PRO A 594 -28.40 4.76 20.02
CA PRO A 594 -28.93 5.66 18.99
C PRO A 594 -28.03 5.75 17.79
N VAL A 595 -28.59 6.29 16.70
CA VAL A 595 -27.77 6.64 15.56
C VAL A 595 -27.48 8.10 15.68
N TRP A 596 -26.21 8.44 15.92
CA TRP A 596 -25.80 9.84 16.13
C TRP A 596 -25.07 10.40 14.90
N SER A 597 -25.45 11.59 14.45
CA SER A 597 -24.70 12.29 13.42
C SER A 597 -24.31 13.70 13.86
N TRP A 598 -23.16 14.14 13.42
CA TRP A 598 -22.64 15.44 13.83
C TRP A 598 -22.87 16.46 12.73
N HIS A 599 -23.25 17.65 13.12
CA HIS A 599 -23.63 18.66 12.13
C HIS A 599 -22.95 19.96 12.48
N HIS A 600 -22.46 20.67 11.48
CA HIS A 600 -21.89 21.99 11.74
C HIS A 600 -23.04 22.91 11.63
N ASP A 601 -23.49 23.37 12.79
CA ASP A 601 -24.65 24.21 12.89
C ASP A 601 -24.27 25.66 12.50
N THR A 602 -24.64 26.10 11.29
CA THR A 602 -24.33 27.48 10.84
C THR A 602 -25.09 28.54 11.65
N LEU A 603 -26.14 28.13 12.37
CA LEU A 603 -26.92 29.04 13.23
C LEU A 603 -26.26 29.38 14.56
N THR A 604 -25.89 28.37 15.33
CA THR A 604 -25.27 28.57 16.64
C THR A 604 -23.73 28.62 16.54
N LYS A 605 -23.19 28.32 15.36
CA LYS A 605 -21.72 28.19 15.17
C LYS A 605 -21.11 27.15 16.11
N THR A 606 -21.77 26.02 16.25
CA THR A 606 -21.24 24.89 17.04
C THR A 606 -21.26 23.64 16.18
N ILE A 607 -20.50 22.63 16.62
CA ILE A 607 -20.57 21.31 15.99
C ILE A 607 -21.14 20.40 17.07
N HIS A 608 -22.31 19.79 16.79
CA HIS A 608 -22.99 19.05 17.84
C HIS A 608 -23.75 17.88 17.24
N PRO A 609 -24.05 16.85 18.03
CA PRO A 609 -24.71 15.65 17.51
C PRO A 609 -26.23 15.72 17.53
N GLN A 610 -26.83 15.15 16.48
CA GLN A 610 -28.29 14.94 16.38
C GLN A 610 -28.58 13.46 16.39
N GLY A 611 -29.63 13.06 17.09
CA GLY A 611 -29.96 11.65 17.19
C GLY A 611 -31.11 11.31 16.26
N SER A 612 -31.01 10.15 15.60
CA SER A 612 -32.16 9.69 14.79
C SER A 612 -33.37 9.37 15.64
N THR A 613 -34.55 9.72 15.13
CA THR A 613 -35.78 9.29 15.78
C THR A 613 -36.43 8.13 15.01
N THR A 614 -35.80 7.65 13.94
CA THR A 614 -36.39 6.57 13.10
C THR A 614 -35.52 5.30 12.99
N LYS A 615 -34.23 5.40 13.29
CA LYS A 615 -33.37 4.21 13.18
C LYS A 615 -32.44 4.15 14.34
N TYR A 616 -32.00 2.92 14.64
CA TYR A 616 -31.16 2.65 15.81
C TYR A 616 -30.10 1.68 15.43
N ARG A 617 -29.04 1.58 16.25
CA ARG A 617 -27.92 0.68 16.00
C ARG A 617 -28.08 -0.54 16.91
N ILE A 618 -28.06 -1.75 16.35
CA ILE A 618 -28.00 -2.92 17.23
C ILE A 618 -26.64 -3.58 17.09
N ILE A 619 -26.05 -3.98 18.22
CA ILE A 619 -24.67 -4.48 18.27
C ILE A 619 -24.70 -5.81 18.97
N PHE A 620 -24.00 -6.79 18.41
CA PHE A 620 -23.91 -8.08 19.08
C PHE A 620 -22.64 -8.77 18.66
N LYS A 621 -22.29 -9.81 19.41
CA LYS A 621 -21.06 -10.52 19.12
C LYS A 621 -21.35 -11.62 18.10
N ALA A 622 -20.75 -11.52 16.90
CA ALA A 622 -20.82 -12.61 15.92
C ALA A 622 -19.61 -13.56 16.06
N ARG A 623 -19.89 -14.85 15.99
CA ARG A 623 -18.83 -15.86 16.09
C ARG A 623 -18.84 -16.63 14.78
N VAL A 624 -17.70 -16.57 14.08
CA VAL A 624 -17.65 -17.00 12.67
C VAL A 624 -16.47 -17.94 12.46
N PRO A 625 -16.69 -19.05 11.74
CA PRO A 625 -15.65 -20.05 11.50
C PRO A 625 -14.48 -19.49 10.70
N PRO A 626 -13.35 -20.17 10.76
CA PRO A 626 -12.19 -19.77 9.92
C PRO A 626 -12.65 -19.77 8.46
N MET A 627 -12.37 -18.69 7.69
CA MET A 627 -12.73 -18.64 6.28
C MET A 627 -14.18 -19.08 6.05
N GLY A 628 -15.03 -18.65 6.97
CA GLY A 628 -16.40 -19.15 7.00
C GLY A 628 -17.50 -18.13 7.14
N LEU A 629 -18.70 -18.66 7.35
CA LEU A 629 -19.91 -17.85 7.44
C LEU A 629 -20.77 -18.27 8.62
N ALA A 630 -21.48 -17.30 9.19
CA ALA A 630 -22.36 -17.57 10.31
C ALA A 630 -23.60 -16.72 10.08
N THR A 631 -24.77 -17.34 10.25
CA THR A 631 -26.06 -16.66 10.06
C THR A 631 -26.74 -16.32 11.42
N TYR A 632 -27.33 -15.13 11.51
CA TYR A 632 -28.12 -14.66 12.68
C TYR A 632 -29.46 -14.11 12.21
N VAL A 633 -30.41 -13.99 13.15
CA VAL A 633 -31.74 -13.52 12.84
C VAL A 633 -32.03 -12.38 13.80
N LEU A 634 -32.50 -11.27 13.24
CA LEU A 634 -32.94 -10.12 14.04
C LEU A 634 -34.47 -10.09 14.04
N THR A 635 -35.07 -9.98 15.21
CA THR A 635 -36.51 -10.09 15.36
C THR A 635 -37.09 -8.94 16.17
N ILE A 636 -38.18 -8.36 15.71
CA ILE A 636 -38.77 -7.23 16.40
C ILE A 636 -39.73 -7.77 17.46
N SER A 637 -39.90 -7.03 18.55
CA SER A 637 -41.03 -7.27 19.45
C SER A 637 -41.68 -5.96 19.87
N ASP A 638 -42.82 -6.04 20.58
CA ASP A 638 -43.49 -4.77 20.89
C ASP A 638 -42.84 -4.00 22.06
N SER A 639 -42.03 -4.70 22.87
CA SER A 639 -41.35 -4.11 24.01
C SER A 639 -39.91 -4.62 24.15
N LYS A 640 -39.17 -4.02 25.08
CA LYS A 640 -37.82 -4.46 25.40
C LYS A 640 -37.64 -5.99 25.48
N PRO A 641 -36.85 -6.55 24.57
CA PRO A 641 -36.53 -7.99 24.67
C PRO A 641 -35.62 -8.30 25.85
N GLU A 642 -35.70 -9.53 26.32
CA GLU A 642 -34.87 -10.01 27.44
C GLU A 642 -33.36 -9.86 27.24
N HIS A 643 -32.88 -10.14 26.03
CA HIS A 643 -31.43 -10.24 25.84
C HIS A 643 -30.82 -9.03 25.10
N THR A 644 -31.55 -7.92 25.10
CA THR A 644 -31.09 -6.67 24.51
C THR A 644 -31.07 -5.60 25.61
N SER A 645 -29.93 -4.93 25.75
CA SER A 645 -29.80 -3.80 26.68
C SER A 645 -29.69 -2.51 25.88
N TYR A 646 -29.84 -1.38 26.57
CA TYR A 646 -29.81 -0.06 25.91
C TYR A 646 -28.75 0.83 26.50
N ALA A 647 -27.96 1.49 25.64
CA ALA A 647 -26.91 2.36 26.10
C ALA A 647 -27.47 3.62 26.77
N SER A 648 -26.79 4.14 27.78
CA SER A 648 -27.11 5.51 28.17
C SER A 648 -26.31 6.51 27.32
N ASN A 649 -26.77 7.75 27.31
CA ASN A 649 -26.12 8.81 26.51
C ASN A 649 -26.07 10.08 27.30
N LEU A 650 -24.91 10.72 27.29
CA LEU A 650 -24.66 11.90 28.12
C LEU A 650 -24.05 12.92 27.19
N LEU A 651 -24.73 14.05 27.06
CA LEU A 651 -24.26 15.14 26.21
C LEU A 651 -23.63 16.25 27.09
N LEU A 652 -22.33 16.49 26.94
CA LEU A 652 -21.64 17.49 27.76
C LEU A 652 -21.40 18.76 26.97
N ARG A 653 -22.10 19.83 27.39
CA ARG A 653 -21.95 21.17 26.86
C ARG A 653 -22.77 22.11 27.75
N LYS A 654 -22.31 23.34 27.87
CA LYS A 654 -23.11 24.40 28.49
C LYS A 654 -24.28 24.71 27.55
N ASN A 655 -25.40 25.18 28.07
CA ASN A 655 -26.47 25.61 27.15
CA ASN A 655 -26.53 25.58 27.23
C ASN A 655 -27.04 24.47 26.29
N PRO A 656 -27.42 23.34 26.89
CA PRO A 656 -27.93 22.23 26.10
C PRO A 656 -29.36 22.50 25.64
N THR A 657 -29.78 21.85 24.57
CA THR A 657 -31.19 21.77 24.22
C THR A 657 -31.55 20.30 24.19
N SER A 658 -32.84 20.00 24.20
CA SER A 658 -33.37 18.64 24.19
C SER A 658 -32.88 17.81 22.97
N LEU A 659 -32.85 16.49 23.15
CA LEU A 659 -32.40 15.56 22.10
C LEU A 659 -33.33 14.36 22.15
N PRO A 660 -34.50 14.47 21.51
CA PRO A 660 -35.46 13.36 21.50
C PRO A 660 -34.94 12.20 20.61
N LEU A 661 -35.31 10.98 20.97
CA LEU A 661 -34.75 9.80 20.29
C LEU A 661 -35.82 8.79 19.81
N GLY A 662 -37.01 9.24 19.43
CA GLY A 662 -38.08 8.31 19.05
C GLY A 662 -38.46 7.29 20.12
N GLN A 663 -38.50 6.02 19.77
CA GLN A 663 -38.86 5.01 20.76
C GLN A 663 -37.73 4.58 21.67
N TYR A 664 -36.55 5.12 21.44
CA TYR A 664 -35.40 4.69 22.25
C TYR A 664 -35.77 4.80 23.75
N PRO A 665 -35.64 3.71 24.50
CA PRO A 665 -36.19 3.68 25.86
C PRO A 665 -35.49 4.49 26.96
N GLU A 666 -34.31 5.09 26.73
CA GLU A 666 -33.53 5.79 27.79
C GLU A 666 -33.36 7.24 27.37
N ASP A 667 -33.75 8.18 28.25
CA ASP A 667 -33.64 9.60 27.89
C ASP A 667 -32.17 10.03 27.94
N VAL A 668 -31.79 10.91 27.04
CA VAL A 668 -30.45 11.50 27.03
C VAL A 668 -30.30 12.39 28.28
N LYS A 669 -29.12 12.33 28.90
CA LYS A 669 -28.73 13.17 30.06
C LYS A 669 -27.80 14.28 29.59
N PHE A 670 -27.79 15.39 30.33
CA PHE A 670 -27.03 16.57 29.96
C PHE A 670 -26.14 16.99 31.12
N GLY A 671 -25.05 17.69 30.83
CA GLY A 671 -24.21 18.22 31.90
C GLY A 671 -23.19 19.17 31.35
N ASP A 672 -22.54 19.94 32.23
CA ASP A 672 -21.44 20.79 31.79
C ASP A 672 -20.22 19.89 31.45
N PRO A 673 -19.36 20.37 30.54
CA PRO A 673 -18.10 19.66 30.24
C PRO A 673 -17.37 19.29 31.52
N ARG A 674 -16.83 18.08 31.53
CA ARG A 674 -16.13 17.54 32.71
C ARG A 674 -15.25 16.34 32.33
N GLU A 675 -14.24 16.04 33.13
CA GLU A 675 -13.51 14.80 32.97
C GLU A 675 -14.39 13.59 33.19
N ILE A 676 -14.13 12.57 32.37
CA ILE A 676 -14.88 11.35 32.46
C ILE A 676 -13.99 10.12 32.38
N SER A 677 -14.48 9.04 32.95
CA SER A 677 -13.76 7.79 32.88
C SER A 677 -14.70 6.65 32.46
N LEU A 678 -14.20 5.75 31.63
CA LEU A 678 -15.00 4.62 31.16
C LEU A 678 -14.26 3.30 31.18
N ARG A 679 -15.01 2.24 31.44
CA ARG A 679 -14.49 0.88 31.36
C ARG A 679 -15.54 -0.08 30.80
N VAL A 680 -15.22 -0.74 29.70
CA VAL A 680 -16.07 -1.78 29.16
C VAL A 680 -15.53 -3.18 29.54
N GLY A 681 -16.43 -4.09 29.95
CA GLY A 681 -16.03 -5.44 30.34
C GLY A 681 -14.98 -5.40 31.44
N ASN A 682 -13.96 -6.26 31.27
CA ASN A 682 -12.81 -6.31 32.17
C ASN A 682 -11.56 -5.78 31.52
N GLY A 683 -11.75 -4.87 30.57
CA GLY A 683 -10.65 -4.34 29.78
C GLY A 683 -10.12 -3.10 30.43
N PRO A 684 -9.45 -2.25 29.64
CA PRO A 684 -8.78 -1.07 30.24
C PRO A 684 -9.79 0.00 30.68
N THR A 685 -9.35 0.86 31.58
CA THR A 685 -10.12 2.02 32.01
C THR A 685 -9.48 3.27 31.41
N LEU A 686 -10.28 4.04 30.67
CA LEU A 686 -9.76 5.20 29.97
C LEU A 686 -10.33 6.46 30.61
N ALA A 687 -9.48 7.46 30.77
CA ALA A 687 -9.89 8.77 31.27
C ALA A 687 -9.79 9.82 30.16
N PHE A 688 -10.77 10.69 30.11
CA PHE A 688 -10.83 11.73 29.10
C PHE A 688 -10.83 13.11 29.75
N SER A 689 -10.24 14.06 29.05
CA SER A 689 -10.30 15.49 29.41
C SER A 689 -11.71 16.02 29.26
N GLU A 690 -11.96 17.22 29.80
CA GLU A 690 -13.24 17.87 29.56
C GLU A 690 -13.45 18.24 28.06
N GLN A 691 -12.39 18.22 27.23
CA GLN A 691 -12.57 18.36 25.78
C GLN A 691 -12.79 17.02 25.02
N GLY A 692 -12.96 15.92 25.74
CA GLY A 692 -13.29 14.62 25.11
C GLY A 692 -12.12 13.86 24.52
N LEU A 693 -10.91 14.21 24.95
CA LEU A 693 -9.69 13.58 24.42
C LEU A 693 -9.04 12.73 25.49
N LEU A 694 -8.57 11.55 25.11
CA LEU A 694 -7.84 10.68 26.04
C LEU A 694 -6.71 11.37 26.81
N LYS A 695 -6.62 11.07 28.11
CA LYS A 695 -5.58 11.57 28.99
CA LYS A 695 -5.54 11.56 28.97
C LYS A 695 -4.79 10.44 29.66
N SER A 696 -5.44 9.32 29.90
CA SER A 696 -4.76 8.16 30.52
C SER A 696 -5.42 6.83 30.23
N ILE A 697 -4.62 5.75 30.30
CA ILE A 697 -5.12 4.40 30.21
C ILE A 697 -4.65 3.64 31.44
N GLN A 698 -5.59 2.97 32.10
CA GLN A 698 -5.28 2.08 33.19
C GLN A 698 -5.60 0.67 32.77
N LEU A 699 -4.58 -0.17 32.63
CA LEU A 699 -4.74 -1.51 32.09
C LEU A 699 -5.57 -2.48 32.92
N THR A 700 -5.34 -2.49 34.24
CA THR A 700 -6.03 -3.42 35.16
C THR A 700 -6.53 -2.67 36.41
N GLN A 701 -7.42 -3.30 37.20
CA GLN A 701 -7.94 -2.70 38.45
C GLN A 701 -6.88 -2.00 39.33
N ASP A 702 -5.75 -2.66 39.54
CA ASP A 702 -4.66 -2.13 40.38
C ASP A 702 -3.76 -1.03 39.77
N SER A 703 -3.54 -1.10 38.45
CA SER A 703 -2.41 -0.45 37.80
C SER A 703 -2.41 1.09 37.77
N PRO A 704 -1.27 1.70 37.44
CA PRO A 704 -1.23 3.16 37.30
C PRO A 704 -2.16 3.64 36.17
N HIS A 705 -2.62 4.89 36.30
CA HIS A 705 -3.27 5.56 35.18
C HIS A 705 -2.13 6.16 34.37
N VAL A 706 -1.74 5.41 33.32
CA VAL A 706 -0.61 5.79 32.48
C VAL A 706 -0.96 6.97 31.57
N PRO A 707 -0.26 8.10 31.69
CA PRO A 707 -0.53 9.28 30.85
C PRO A 707 -0.42 8.94 29.34
N VAL A 708 -1.53 9.12 28.60
CA VAL A 708 -1.56 8.89 27.15
C VAL A 708 -2.54 9.95 26.67
N HIS A 709 -1.99 11.02 26.10
N HIS A 709 -2.00 11.04 26.13
CA HIS A 709 -2.75 12.23 25.80
CA HIS A 709 -2.81 12.19 25.77
C HIS A 709 -2.88 12.41 24.27
C HIS A 709 -2.89 12.35 24.26
N PHE A 710 -4.11 12.46 23.75
CA PHE A 710 -4.32 12.78 22.34
C PHE A 710 -4.40 14.31 22.20
N LYS A 711 -3.80 14.85 21.14
CA LYS A 711 -3.81 16.27 20.87
C LYS A 711 -3.86 16.46 19.36
N PHE A 712 -4.59 17.46 18.89
CA PHE A 712 -4.59 17.84 17.47
C PHE A 712 -3.81 19.12 17.24
N LEU A 713 -2.96 19.14 16.22
CA LEU A 713 -2.12 20.32 15.91
C LEU A 713 -2.09 20.60 14.43
N LYS A 714 -1.51 21.73 14.06
CA LYS A 714 -1.47 22.11 12.67
C LYS A 714 -0.10 22.59 12.26
N TYR A 715 0.28 22.14 11.06
CA TYR A 715 1.44 22.64 10.38
C TYR A 715 1.00 23.57 9.31
N GLY A 716 1.82 24.59 9.07
CA GLY A 716 1.55 25.54 8.01
C GLY A 716 2.53 25.44 6.85
N VAL A 717 2.54 26.49 6.01
CA VAL A 717 3.38 26.49 4.80
C VAL A 717 4.32 27.72 4.87
N ARG A 718 5.53 27.60 4.33
CA ARG A 718 6.44 28.74 4.33
C ARG A 718 5.95 29.87 3.45
N SER A 719 6.20 31.10 3.89
CA SER A 719 5.82 32.28 3.11
C SER A 719 6.99 32.79 2.24
N HIS A 720 8.17 32.23 2.40
CA HIS A 720 9.25 32.48 1.44
C HIS A 720 10.00 31.14 1.24
N GLY A 721 10.55 30.96 0.06
CA GLY A 721 11.29 29.74 -0.26
C GLY A 721 10.31 28.69 -0.79
N ASP A 722 10.64 27.41 -0.63
CA ASP A 722 9.89 26.37 -1.35
C ASP A 722 8.61 26.09 -0.60
N ARG A 723 7.56 25.78 -1.36
CA ARG A 723 6.23 25.55 -0.77
C ARG A 723 5.89 24.06 -0.76
N SER A 724 5.25 23.61 0.31
CA SER A 724 4.68 22.27 0.38
C SER A 724 3.68 22.10 -0.74
N GLY A 725 3.60 20.89 -1.27
CA GLY A 725 2.58 20.53 -2.23
C GLY A 725 2.19 19.07 -2.07
N ALA A 726 1.62 18.48 -3.12
CA ALA A 726 1.23 17.08 -3.11
C ALA A 726 2.37 16.13 -2.75
N TYR A 727 3.58 16.45 -3.18
CA TYR A 727 4.74 15.60 -2.90
C TYR A 727 5.52 16.02 -1.67
N LEU A 728 5.87 17.29 -1.60
CA LEU A 728 6.79 17.77 -0.57
C LEU A 728 6.10 18.23 0.70
N PHE A 729 6.74 17.93 1.84
CA PHE A 729 6.29 18.46 3.12
C PHE A 729 7.38 19.47 3.57
N LEU A 730 7.02 20.77 3.61
CA LEU A 730 7.99 21.83 3.90
C LEU A 730 7.35 22.74 4.96
N PRO A 731 7.25 22.26 6.18
CA PRO A 731 6.48 22.97 7.22
C PRO A 731 7.17 24.28 7.61
N ASN A 732 6.40 25.26 8.08
CA ASN A 732 6.97 26.51 8.62
C ASN A 732 7.14 26.35 10.11
N GLY A 733 7.92 25.36 10.50
CA GLY A 733 8.23 25.08 11.90
C GLY A 733 7.40 23.94 12.49
N PRO A 734 7.65 23.62 13.75
CA PRO A 734 6.85 22.64 14.47
C PRO A 734 5.38 23.04 14.52
N ALA A 735 4.55 22.04 14.73
CA ALA A 735 3.11 22.25 14.63
C ALA A 735 2.64 23.10 15.80
N SER A 736 1.51 23.76 15.61
CA SER A 736 0.88 24.58 16.63
C SER A 736 -0.45 23.96 17.04
N PRO A 737 -0.78 24.05 18.30
CA PRO A 737 -2.02 23.41 18.77
C PRO A 737 -3.26 23.96 18.06
N VAL A 738 -4.22 23.10 17.72
CA VAL A 738 -5.50 23.57 17.20
C VAL A 738 -6.25 24.18 18.41
N GLU A 739 -6.79 25.37 18.23
CA GLU A 739 -7.62 25.99 19.26
C GLU A 739 -8.98 25.30 19.26
N LEU A 740 -9.30 24.71 20.40
CA LEU A 740 -10.45 23.83 20.50
C LEU A 740 -11.72 24.52 20.94
N GLY A 741 -11.60 25.68 21.59
CA GLY A 741 -12.79 26.34 22.11
C GLY A 741 -13.37 25.48 23.22
N GLN A 742 -14.69 25.44 23.31
CA GLN A 742 -15.37 24.55 24.26
C GLN A 742 -16.22 23.50 23.45
N PRO A 743 -15.58 22.41 23.00
CA PRO A 743 -16.28 21.48 22.10
C PRO A 743 -17.35 20.65 22.81
N VAL A 744 -18.34 20.19 22.04
CA VAL A 744 -19.44 19.37 22.55
C VAL A 744 -18.97 17.94 22.61
N VAL A 745 -19.20 17.30 23.75
CA VAL A 745 -18.75 15.92 23.96
C VAL A 745 -19.94 15.00 24.17
N LEU A 746 -19.98 13.89 23.45
CA LEU A 746 -21.03 12.89 23.63
C LEU A 746 -20.48 11.58 24.21
N VAL A 747 -21.05 11.12 25.31
CA VAL A 747 -20.61 9.88 25.95
C VAL A 747 -21.75 8.88 25.81
N THR A 748 -21.51 7.77 25.13
CA THR A 748 -22.49 6.69 25.11
C THR A 748 -21.91 5.52 25.90
N LYS A 749 -22.68 5.00 26.86
CA LYS A 749 -22.16 3.94 27.73
C LYS A 749 -23.03 2.70 27.63
N GLY A 750 -22.44 1.60 27.14
CA GLY A 750 -23.23 0.40 27.07
C GLY A 750 -22.46 -0.75 27.64
N LYS A 751 -23.17 -1.86 27.80
CA LYS A 751 -22.53 -3.05 28.35
C LYS A 751 -21.53 -3.67 27.37
N LEU A 752 -21.82 -3.56 26.07
CA LEU A 752 -20.98 -4.18 25.04
C LEU A 752 -20.03 -3.20 24.39
N GLU A 753 -20.44 -1.93 24.32
CA GLU A 753 -19.67 -0.92 23.57
C GLU A 753 -19.99 0.45 24.15
N SER A 754 -18.94 1.21 24.49
CA SER A 754 -19.08 2.60 24.92
C SER A 754 -18.19 3.49 24.06
N SER A 755 -18.43 4.80 24.06
CA SER A 755 -17.59 5.72 23.26
C SER A 755 -17.65 7.14 23.78
N VAL A 756 -16.61 7.91 23.46
CA VAL A 756 -16.60 9.32 23.71
C VAL A 756 -16.32 9.93 22.34
N SER A 757 -17.20 10.81 21.92
CA SER A 757 -17.10 11.52 20.65
C SER A 757 -17.10 13.04 20.86
N VAL A 758 -16.23 13.76 20.16
CA VAL A 758 -16.15 15.19 20.33
C VAL A 758 -16.02 15.91 19.00
N GLY A 759 -16.76 17.01 18.85
CA GLY A 759 -16.74 17.77 17.61
C GLY A 759 -15.69 18.86 17.65
N LEU A 760 -14.51 18.57 17.12
CA LEU A 760 -13.39 19.52 17.13
C LEU A 760 -13.37 20.23 15.81
N PRO A 761 -12.69 21.39 15.71
CA PRO A 761 -12.56 22.02 14.38
C PRO A 761 -11.81 21.04 13.45
N SER A 762 -12.51 20.70 12.37
CA SER A 762 -12.01 19.88 11.26
C SER A 762 -12.07 18.38 11.54
N VAL A 763 -12.42 18.00 12.77
CA VAL A 763 -12.37 16.57 13.15
C VAL A 763 -13.43 16.15 14.15
N VAL A 764 -14.27 15.20 13.79
CA VAL A 764 -15.09 14.58 14.84
C VAL A 764 -14.27 13.37 15.29
N HIS A 765 -13.83 13.40 16.55
CA HIS A 765 -12.83 12.48 17.10
C HIS A 765 -13.59 11.55 18.03
N GLN A 766 -13.46 10.24 17.82
CA GLN A 766 -14.23 9.25 18.58
C GLN A 766 -13.31 8.18 19.15
N THR A 767 -13.45 7.90 20.46
CA THR A 767 -12.78 6.81 21.11
C THR A 767 -13.84 5.75 21.45
N ILE A 768 -13.69 4.56 20.87
CA ILE A 768 -14.63 3.47 21.05
C ILE A 768 -14.00 2.32 21.82
N MET A 769 -14.76 1.79 22.77
CA MET A 769 -14.31 0.75 23.69
C MET A 769 -15.23 -0.46 23.62
N ARG A 770 -14.64 -1.62 23.37
CA ARG A 770 -15.45 -2.83 23.27
CA ARG A 770 -15.43 -2.85 23.27
C ARG A 770 -14.92 -3.92 24.21
N GLY A 771 -14.01 -3.52 25.10
CA GLY A 771 -13.45 -4.42 26.10
C GLY A 771 -11.99 -4.72 25.97
N GLY A 772 -11.38 -4.36 24.83
CA GLY A 772 -9.93 -4.46 24.64
C GLY A 772 -9.30 -3.12 24.24
N ALA A 773 -8.30 -3.16 23.34
CA ALA A 773 -7.66 -1.95 22.83
C ALA A 773 -8.76 -1.07 22.24
N PRO A 774 -8.78 0.22 22.61
CA PRO A 774 -9.78 1.13 22.02
C PRO A 774 -9.59 1.23 20.51
N GLU A 775 -10.67 1.63 19.85
CA GLU A 775 -10.64 2.00 18.46
C GLU A 775 -10.81 3.51 18.38
N ILE A 776 -10.06 4.17 17.53
CA ILE A 776 -10.22 5.60 17.35
C ILE A 776 -10.75 5.82 15.95
N ARG A 777 -11.79 6.64 15.79
CA ARG A 777 -12.22 7.09 14.44
C ARG A 777 -12.20 8.59 14.38
N ASN A 778 -11.63 9.11 13.30
CA ASN A 778 -11.61 10.54 13.04
C ASN A 778 -12.34 10.82 11.74
N LEU A 779 -13.42 11.60 11.84
CA LEU A 779 -14.08 12.09 10.62
C LEU A 779 -13.42 13.44 10.30
N VAL A 780 -12.53 13.42 9.31
CA VAL A 780 -11.65 14.55 9.03
C VAL A 780 -12.20 15.38 7.85
N ASP A 781 -12.54 16.65 8.13
CA ASP A 781 -13.01 17.55 7.10
C ASP A 781 -12.26 18.86 7.25
N ILE A 782 -11.14 18.96 6.55
CA ILE A 782 -10.30 20.15 6.58
C ILE A 782 -10.97 21.36 5.92
N GLY A 783 -12.13 21.15 5.29
CA GLY A 783 -12.96 22.27 4.88
C GLY A 783 -12.17 23.23 4.02
N SER A 784 -12.19 24.51 4.31
CA SER A 784 -11.42 25.44 3.46
C SER A 784 -10.13 26.02 4.11
N LEU A 785 -9.60 25.32 5.10
CA LEU A 785 -8.37 25.79 5.73
C LEU A 785 -7.19 25.63 4.78
N ASP A 786 -6.89 26.66 4.00
N ASP A 786 -6.87 26.71 4.08
CA ASP A 786 -5.78 26.52 3.07
CA ASP A 786 -5.77 26.69 3.13
C ASP A 786 -4.44 26.55 3.80
C ASP A 786 -4.40 26.60 3.82
N ASN A 787 -3.48 25.90 3.16
CA ASN A 787 -2.09 25.78 3.65
C ASN A 787 -2.03 25.28 5.07
N THR A 788 -2.76 24.19 5.32
CA THR A 788 -2.84 23.62 6.65
C THR A 788 -2.70 22.10 6.55
N GLU A 789 -1.95 21.51 7.46
CA GLU A 789 -1.90 20.04 7.61
C GLU A 789 -2.31 19.73 9.03
N ILE A 790 -3.30 18.84 9.20
CA ILE A 790 -3.75 18.53 10.51
C ILE A 790 -3.10 17.24 10.97
N VAL A 791 -2.50 17.31 12.17
CA VAL A 791 -1.78 16.16 12.75
C VAL A 791 -2.46 15.71 14.02
N MET A 792 -2.50 14.40 14.19
CA MET A 792 -2.95 13.83 15.48
C MET A 792 -1.72 13.32 16.21
N ARG A 793 -1.48 13.83 17.42
CA ARG A 793 -0.33 13.45 18.23
C ARG A 793 -0.77 12.76 19.52
N LEU A 794 0.01 11.77 19.93
CA LEU A 794 -0.05 11.16 21.24
C LEU A 794 1.17 11.58 22.07
N GLU A 795 0.93 12.00 23.33
CA GLU A 795 2.00 12.41 24.25
C GLU A 795 1.99 11.46 25.42
N THR A 796 3.15 10.85 25.68
CA THR A 796 3.26 9.90 26.77
C THR A 796 4.58 10.17 27.52
N HIS A 797 4.80 9.38 28.56
CA HIS A 797 6.04 9.49 29.32
C HIS A 797 6.94 8.28 29.06
N ILE A 798 6.68 7.56 27.97
CA ILE A 798 7.54 6.47 27.54
C ILE A 798 8.89 7.03 27.17
N ASP A 799 9.95 6.43 27.73
CA ASP A 799 11.29 6.90 27.50
C ASP A 799 11.91 6.28 26.23
N SER A 800 11.35 6.67 25.07
CA SER A 800 11.73 6.12 23.80
C SER A 800 12.93 6.87 23.20
N GLY A 801 13.24 8.05 23.70
CA GLY A 801 14.45 8.75 23.26
C GLY A 801 14.30 9.25 21.84
N ASP A 802 15.13 8.73 20.92
CA ASP A 802 15.04 9.12 19.51
C ASP A 802 14.64 7.95 18.63
N ILE A 803 14.20 6.87 19.26
CA ILE A 803 13.79 5.66 18.51
C ILE A 803 12.30 5.50 18.37
N PHE A 804 11.86 5.07 17.18
CA PHE A 804 10.47 4.69 16.98
C PHE A 804 10.42 3.65 15.83
N TYR A 805 9.26 3.05 15.67
CA TYR A 805 9.14 1.97 14.68
C TYR A 805 7.95 2.25 13.79
N THR A 806 8.18 2.03 12.50
CA THR A 806 7.05 2.18 11.52
C THR A 806 7.06 0.95 10.61
N ASP A 807 5.92 0.64 9.98
CA ASP A 807 5.93 -0.54 9.10
C ASP A 807 6.23 -0.20 7.61
N LEU A 808 6.58 -1.25 6.87
CA LEU A 808 6.78 -1.15 5.41
C LEU A 808 5.75 -2.04 4.77
N ASN A 809 4.81 -1.39 4.06
CA ASN A 809 3.76 -2.06 3.26
C ASN A 809 2.96 -3.08 4.02
N GLY A 810 2.81 -2.88 5.33
CA GLY A 810 1.97 -3.83 6.08
C GLY A 810 2.65 -5.18 6.30
N LEU A 811 3.95 -5.24 6.02
CA LEU A 811 4.68 -6.50 5.99
C LEU A 811 5.67 -6.67 7.14
N GLN A 812 6.34 -5.57 7.53
CA GLN A 812 7.43 -5.65 8.51
C GLN A 812 7.54 -4.31 9.21
N PHE A 813 8.08 -4.33 10.42
CA PHE A 813 8.36 -3.09 11.18
C PHE A 813 9.87 -2.85 11.24
N ILE A 814 10.22 -1.64 10.87
CA ILE A 814 11.62 -1.21 10.76
C ILE A 814 11.88 -0.16 11.85
N LYS A 815 13.03 -0.27 12.48
CA LYS A 815 13.49 0.74 13.46
C LYS A 815 13.86 2.04 12.77
N ARG A 816 13.34 3.14 13.29
CA ARG A 816 13.66 4.48 12.84
C ARG A 816 14.41 5.19 13.94
N ARG A 817 15.32 6.06 13.53
CA ARG A 817 15.97 6.90 14.54
C ARG A 817 15.77 8.35 14.09
N ARG A 818 15.14 9.13 14.96
CA ARG A 818 14.91 10.54 14.69
CA ARG A 818 14.91 10.54 14.69
C ARG A 818 16.28 11.21 14.72
N LEU A 819 16.53 12.04 13.71
CA LEU A 819 17.84 12.70 13.51
C LEU A 819 17.67 14.21 13.50
N ASP A 820 18.17 14.84 14.57
CA ASP A 820 18.04 16.29 14.65
C ASP A 820 18.93 17.01 13.64
N LYS A 821 19.86 16.28 13.04
CA LYS A 821 20.71 16.85 11.98
C LYS A 821 19.95 16.99 10.65
N LEU A 822 18.76 16.40 10.59
CA LEU A 822 17.87 16.54 9.43
C LEU A 822 16.66 17.41 9.77
N PRO A 823 16.08 18.10 8.77
CA PRO A 823 14.87 18.92 9.04
C PRO A 823 13.66 18.06 9.41
N LEU A 824 12.64 18.67 10.00
CA LEU A 824 11.50 17.96 10.55
C LEU A 824 10.92 16.97 9.52
N GLN A 825 10.74 17.46 8.29
CA GLN A 825 10.07 16.69 7.24
C GLN A 825 10.83 15.42 6.84
N ALA A 826 12.13 15.40 7.12
CA ALA A 826 12.95 14.24 6.82
C ALA A 826 12.72 13.14 7.83
N ASN A 827 12.23 13.51 9.00
CA ASN A 827 11.95 12.57 10.06
C ASN A 827 10.52 12.02 10.00
N TYR A 828 9.78 12.46 9.00
CA TYR A 828 8.51 11.83 8.63
C TYR A 828 8.76 10.58 7.77
N TYR A 829 7.99 9.52 8.10
CA TYR A 829 8.09 8.23 7.40
C TYR A 829 6.69 7.75 7.01
N PRO A 830 6.62 6.87 6.00
CA PRO A 830 5.31 6.26 5.70
C PRO A 830 4.78 5.49 6.93
N ILE A 831 3.49 5.66 7.27
CA ILE A 831 2.81 4.77 8.22
C ILE A 831 1.72 3.93 7.48
N PRO A 832 2.13 2.96 6.67
CA PRO A 832 1.15 2.25 5.85
C PRO A 832 0.18 1.42 6.71
N SER A 833 0.56 0.98 7.90
CA SER A 833 -0.38 0.23 8.76
C SER A 833 -0.14 0.35 10.28
N GLY A 834 1.05 0.83 10.69
CA GLY A 834 1.26 0.90 12.13
C GLY A 834 2.55 1.57 12.54
N MET A 835 2.60 2.01 13.80
CA MET A 835 3.83 2.60 14.33
C MET A 835 3.83 2.36 15.85
N PHE A 836 5.02 2.34 16.45
CA PHE A 836 5.10 2.23 17.90
C PHE A 836 6.33 2.88 18.48
N ILE A 837 6.24 3.19 19.77
CA ILE A 837 7.39 3.59 20.58
C ILE A 837 7.45 2.71 21.82
N GLU A 838 8.66 2.50 22.35
CA GLU A 838 8.74 1.70 23.58
C GLU A 838 9.96 2.11 24.42
N ASP A 839 9.89 1.82 25.72
CA ASP A 839 11.11 1.83 26.52
C ASP A 839 11.32 0.43 27.10
N ALA A 840 12.03 0.30 28.23
CA ALA A 840 12.27 -1.04 28.74
C ALA A 840 10.98 -1.76 29.19
N ASN A 841 9.97 -0.99 29.60
CA ASN A 841 8.79 -1.58 30.26
C ASN A 841 7.48 -1.47 29.48
N THR A 842 7.39 -0.42 28.68
CA THR A 842 6.09 0.03 28.15
C THR A 842 6.17 0.28 26.64
N ARG A 843 5.14 -0.17 25.95
CA ARG A 843 5.06 0.14 24.49
C ARG A 843 3.68 0.76 24.22
N LEU A 844 3.64 1.73 23.30
CA LEU A 844 2.36 2.14 22.75
C LEU A 844 2.39 1.92 21.26
N THR A 845 1.38 1.18 20.76
CA THR A 845 1.28 0.95 19.31
C THR A 845 0.03 1.59 18.76
N LEU A 846 0.19 2.30 17.64
CA LEU A 846 -0.98 2.81 16.94
C LEU A 846 -1.10 2.12 15.58
N LEU A 847 -2.21 1.39 15.38
CA LEU A 847 -2.46 0.65 14.13
C LEU A 847 -3.40 1.51 13.29
N THR A 848 -3.23 1.46 11.95
CA THR A 848 -4.07 2.31 11.07
C THR A 848 -4.87 1.46 10.06
N GLY A 849 -6.00 2.02 9.63
CA GLY A 849 -6.75 1.43 8.53
C GLY A 849 -6.51 2.09 7.19
N GLN A 850 -5.43 2.86 7.09
CA GLN A 850 -5.11 3.64 5.88
C GLN A 850 -3.68 4.12 6.04
N PRO A 851 -2.97 4.24 4.92
CA PRO A 851 -1.60 4.78 4.98
C PRO A 851 -1.63 6.31 5.11
N LEU A 852 -0.84 6.82 6.05
CA LEU A 852 -0.70 8.28 6.31
C LEU A 852 0.75 8.51 6.74
N GLY A 853 1.22 9.75 6.77
CA GLY A 853 2.59 9.98 7.17
C GLY A 853 2.70 10.24 8.66
N GLY A 854 3.85 9.94 9.25
CA GLY A 854 3.98 10.26 10.66
C GLY A 854 5.38 10.14 11.19
N SER A 855 5.54 10.31 12.51
CA SER A 855 6.90 10.39 13.08
C SER A 855 6.79 10.28 14.58
N SER A 856 7.95 10.43 15.25
CA SER A 856 8.03 10.61 16.70
C SER A 856 9.06 11.74 16.86
N LEU A 857 8.57 12.96 17.08
CA LEU A 857 9.45 14.14 16.98
C LEU A 857 10.10 14.47 18.33
N ALA A 858 9.68 13.77 19.36
CA ALA A 858 10.30 13.88 20.70
C ALA A 858 10.00 12.61 21.45
N SER A 859 10.86 12.31 22.43
CA SER A 859 10.72 11.12 23.26
C SER A 859 9.30 11.04 23.81
N GLY A 860 8.70 9.87 23.70
CA GLY A 860 7.37 9.60 24.25
C GLY A 860 6.23 10.00 23.32
N GLU A 861 6.56 10.54 22.14
CA GLU A 861 5.51 10.99 21.20
C GLU A 861 5.29 10.06 20.00
N LEU A 862 4.05 10.00 19.54
CA LEU A 862 3.77 9.46 18.19
C LEU A 862 2.92 10.52 17.52
N GLU A 863 3.05 10.71 16.21
CA GLU A 863 2.11 11.60 15.55
C GLU A 863 1.88 11.10 14.12
N ILE A 864 0.70 11.41 13.59
CA ILE A 864 0.27 10.88 12.30
C ILE A 864 -0.62 11.92 11.63
N MET A 865 -0.26 12.28 10.41
CA MET A 865 -0.98 13.34 9.70
C MET A 865 -2.37 12.86 9.18
N GLN A 866 -3.41 13.69 9.36
CA GLN A 866 -4.81 13.33 8.98
C GLN A 866 -5.22 13.79 7.57
N ASP A 867 -4.82 15.00 7.20
CA ASP A 867 -5.09 15.53 5.86
C ASP A 867 -4.27 16.80 5.73
N ARG A 868 -4.18 17.24 4.50
CA ARG A 868 -3.36 18.40 4.15
C ARG A 868 -3.99 19.07 2.95
N ARG A 869 -4.10 20.40 3.06
CA ARG A 869 -4.73 21.24 2.03
C ARG A 869 -3.75 22.34 1.70
N LEU A 870 -3.29 22.32 0.46
CA LEU A 870 -2.13 23.13 0.02
C LEU A 870 -2.46 23.96 -1.24
N ALA A 871 -2.31 25.29 -1.14
CA ALA A 871 -2.63 26.16 -2.25
C ALA A 871 -1.63 26.11 -3.43
N SER A 872 -0.36 25.84 -3.15
CA SER A 872 0.68 25.93 -4.17
C SER A 872 1.10 24.61 -4.73
N ASP A 873 1.59 24.63 -5.96
CA ASP A 873 2.31 23.54 -6.60
C ASP A 873 3.75 23.44 -6.08
N ASP A 874 4.29 22.24 -6.04
CA ASP A 874 5.63 22.02 -5.50
C ASP A 874 6.64 21.67 -6.60
N GLU A 875 6.35 22.11 -7.82
CA GLU A 875 7.34 22.11 -8.91
C GLU A 875 7.92 20.77 -9.27
N ARG A 876 7.11 19.72 -9.09
CA ARG A 876 7.49 18.39 -9.58
C ARG A 876 6.71 17.92 -10.82
N GLY A 877 5.88 18.79 -11.40
CA GLY A 877 5.18 18.48 -12.63
C GLY A 877 3.65 18.31 -12.54
N LEU A 878 3.11 18.29 -11.32
CA LEU A 878 1.66 18.11 -11.09
C LEU A 878 0.90 19.37 -11.56
N GLY A 879 1.50 20.55 -11.32
CA GLY A 879 0.89 21.77 -11.82
C GLY A 879 -0.39 22.19 -11.08
N GLN A 880 -0.55 21.73 -9.84
CA GLN A 880 -1.63 22.23 -8.99
C GLN A 880 -1.30 22.00 -7.51
N GLY A 881 -1.97 22.71 -6.60
CA GLY A 881 -1.93 22.37 -5.17
C GLY A 881 -2.86 21.19 -4.89
N VAL A 882 -3.20 21.02 -3.61
CA VAL A 882 -4.14 20.01 -3.18
C VAL A 882 -5.31 20.76 -2.53
N LEU A 883 -6.36 21.00 -3.33
CA LEU A 883 -7.50 21.76 -2.81
C LEU A 883 -8.78 21.02 -3.05
N ASP A 884 -8.69 19.73 -3.28
CA ASP A 884 -9.84 18.85 -3.52
C ASP A 884 -10.20 17.91 -2.40
N ASN A 885 -9.86 18.31 -1.17
CA ASN A 885 -10.15 17.53 0.03
C ASN A 885 -11.61 17.21 0.15
N LYS A 886 -11.89 16.06 0.74
CA LYS A 886 -13.26 15.68 1.05
C LYS A 886 -13.28 14.92 2.39
N PRO A 887 -14.39 14.92 3.10
CA PRO A 887 -14.49 14.19 4.38
C PRO A 887 -14.03 12.73 4.27
N VAL A 888 -13.23 12.28 5.26
CA VAL A 888 -12.73 10.92 5.25
C VAL A 888 -12.80 10.39 6.66
N LEU A 889 -13.12 9.11 6.81
CA LEU A 889 -13.19 8.50 8.13
C LEU A 889 -11.95 7.65 8.32
N HIS A 890 -10.96 8.20 9.05
CA HIS A 890 -9.76 7.43 9.39
C HIS A 890 -10.02 6.52 10.61
N ILE A 891 -9.48 5.31 10.59
CA ILE A 891 -9.69 4.39 11.71
C ILE A 891 -8.34 3.90 12.25
N TYR A 892 -8.31 3.64 13.57
CA TYR A 892 -7.10 3.23 14.29
C TYR A 892 -7.45 2.28 15.42
N ARG A 893 -6.43 1.57 15.89
CA ARG A 893 -6.53 0.91 17.20
C ARG A 893 -5.35 1.38 18.01
N LEU A 894 -5.55 1.53 19.30
CA LEU A 894 -4.50 2.08 20.15
C LEU A 894 -4.20 1.05 21.24
N VAL A 895 -2.98 0.53 21.24
CA VAL A 895 -2.59 -0.59 22.13
C VAL A 895 -1.44 -0.18 23.06
N LEU A 896 -1.76 -0.01 24.34
CA LEU A 896 -0.76 0.31 25.38
C LEU A 896 -0.51 -1.00 26.07
N GLU A 897 0.76 -1.39 26.22
CA GLU A 897 1.11 -2.73 26.74
C GLU A 897 2.37 -2.70 27.61
N LYS A 898 2.46 -3.61 28.59
CA LYS A 898 3.75 -3.89 29.24
C LYS A 898 4.55 -4.85 28.36
N VAL A 899 5.81 -4.50 28.12
CA VAL A 899 6.68 -5.32 27.27
C VAL A 899 7.98 -5.78 27.96
N ASN A 900 8.14 -5.48 29.25
CA ASN A 900 9.37 -5.87 29.94
C ASN A 900 9.61 -7.39 29.94
N ASN A 901 8.56 -8.18 29.84
CA ASN A 901 8.73 -9.63 29.81
C ASN A 901 8.86 -10.21 28.39
N CYS A 902 8.73 -9.37 27.38
CA CYS A 902 8.86 -9.85 25.99
C CYS A 902 10.29 -10.12 25.57
N VAL A 903 10.50 -11.17 24.80
CA VAL A 903 11.81 -11.41 24.20
C VAL A 903 11.95 -10.49 22.97
N ARG A 904 12.74 -9.46 23.10
CA ARG A 904 12.92 -8.44 22.07
C ARG A 904 14.25 -8.58 21.35
N PRO A 905 14.36 -8.06 20.13
CA PRO A 905 15.66 -8.09 19.48
C PRO A 905 16.62 -7.22 20.28
N SER A 906 17.89 -7.54 20.14
CA SER A 906 18.97 -6.70 20.68
C SER A 906 18.92 -5.26 20.20
N LYS A 907 19.63 -4.39 20.93
CA LYS A 907 19.63 -2.96 20.60
C LYS A 907 20.22 -2.70 19.22
N LEU A 908 20.99 -3.66 18.70
CA LEU A 908 21.57 -3.47 17.36
C LEU A 908 20.72 -4.00 16.22
N HIS A 909 19.63 -4.70 16.53
CA HIS A 909 18.80 -5.28 15.45
C HIS A 909 18.00 -4.15 14.79
N PRO A 910 17.96 -4.11 13.45
CA PRO A 910 17.19 -3.05 12.77
C PRO A 910 15.67 -3.28 12.65
N ALA A 911 15.16 -4.44 13.11
CA ALA A 911 13.71 -4.72 13.06
C ALA A 911 13.00 -4.60 14.39
N GLY A 912 11.67 -4.46 14.34
CA GLY A 912 10.84 -4.64 15.52
C GLY A 912 9.66 -5.51 15.17
N TYR A 913 8.98 -6.05 16.19
CA TYR A 913 7.90 -7.02 15.98
C TYR A 913 6.71 -6.66 16.87
N LEU A 914 5.50 -6.88 16.34
CA LEU A 914 4.27 -6.65 17.09
C LEU A 914 4.06 -7.72 18.13
N THR A 915 3.26 -7.37 19.15
CA THR A 915 2.71 -8.35 20.03
C THR A 915 1.49 -8.97 19.41
N SER A 916 1.03 -10.02 20.05
CA SER A 916 -0.18 -10.67 19.64
C SER A 916 -1.37 -9.69 19.62
N ALA A 917 -1.54 -8.90 20.69
CA ALA A 917 -2.70 -7.99 20.72
C ALA A 917 -2.62 -6.96 19.62
N ALA A 918 -1.44 -6.41 19.33
CA ALA A 918 -1.34 -5.34 18.32
C ALA A 918 -1.57 -5.91 16.92
N HIS A 919 -1.09 -7.12 16.68
CA HIS A 919 -1.31 -7.79 15.39
C HIS A 919 -2.78 -8.07 15.18
N LYS A 920 -3.47 -8.59 16.18
CA LYS A 920 -4.89 -8.84 16.05
C LYS A 920 -5.63 -7.52 15.80
N ALA A 921 -5.24 -6.47 16.51
CA ALA A 921 -5.85 -5.15 16.34
C ALA A 921 -5.68 -4.66 14.88
N SER A 922 -4.49 -4.83 14.33
CA SER A 922 -4.31 -4.53 12.91
C SER A 922 -5.27 -5.33 12.02
N GLN A 923 -5.38 -6.63 12.28
CA GLN A 923 -6.28 -7.45 11.50
C GLN A 923 -7.72 -6.98 11.61
N SER A 924 -8.11 -6.51 12.80
CA SER A 924 -9.46 -5.98 13.00
CA SER A 924 -9.48 -6.01 12.97
C SER A 924 -9.74 -4.79 12.10
N LEU A 925 -8.69 -4.01 11.81
CA LEU A 925 -8.85 -2.83 10.96
C LEU A 925 -8.84 -3.18 9.48
N LEU A 926 -7.94 -4.07 9.08
CA LEU A 926 -7.73 -4.29 7.64
C LEU A 926 -8.65 -5.37 7.09
N ASP A 927 -9.00 -6.35 7.92
CA ASP A 927 -9.82 -7.49 7.48
C ASP A 927 -10.95 -7.81 8.48
N PRO A 928 -11.89 -6.90 8.62
CA PRO A 928 -12.99 -7.09 9.56
C PRO A 928 -13.91 -8.19 9.06
N LEU A 929 -14.82 -8.63 9.91
CA LEU A 929 -15.92 -9.45 9.40
C LEU A 929 -16.74 -8.66 8.36
N ASP A 930 -17.14 -9.33 7.29
CA ASP A 930 -18.08 -8.77 6.32
C ASP A 930 -19.51 -9.07 6.73
N LYS A 931 -20.40 -8.13 6.46
CA LYS A 931 -21.78 -8.27 6.91
C LYS A 931 -22.73 -8.19 5.75
N PHE A 932 -23.66 -9.14 5.70
CA PHE A 932 -24.61 -9.25 4.57
C PHE A 932 -26.05 -9.23 5.11
N ILE A 933 -26.93 -8.47 4.48
CA ILE A 933 -28.33 -8.41 4.90
C ILE A 933 -29.15 -9.09 3.82
N PHE A 934 -29.96 -10.10 4.20
CA PHE A 934 -30.79 -10.75 3.17
C PHE A 934 -31.81 -9.73 2.58
N ALA A 935 -31.88 -9.62 1.26
CA ALA A 935 -32.67 -8.55 0.63
C ALA A 935 -34.19 -8.82 0.67
N GLU A 936 -34.57 -10.05 0.35
CA GLU A 936 -35.98 -10.46 0.18
C GLU A 936 -36.61 -10.72 1.55
N ASN A 937 -37.91 -11.00 1.55
CA ASN A 937 -38.58 -11.17 2.82
C ASN A 937 -38.29 -12.52 3.46
N GLU A 938 -38.20 -13.56 2.65
CA GLU A 938 -37.96 -14.89 3.20
C GLU A 938 -36.85 -15.62 2.43
N TRP A 939 -35.95 -16.25 3.18
CA TRP A 939 -34.85 -17.00 2.60
C TRP A 939 -35.14 -18.49 2.74
N ILE A 940 -35.67 -19.09 1.68
CA ILE A 940 -36.06 -20.53 1.72
C ILE A 940 -34.78 -21.39 1.58
N GLY A 941 -34.64 -22.39 2.46
CA GLY A 941 -33.46 -23.26 2.43
C GLY A 941 -32.21 -22.70 3.13
N ALA A 942 -32.34 -21.59 3.86
CA ALA A 942 -31.22 -20.99 4.58
C ALA A 942 -30.55 -21.96 5.54
N GLN A 943 -29.22 -21.93 5.55
CA GLN A 943 -28.42 -22.69 6.49
C GLN A 943 -27.68 -21.81 7.48
N GLY A 944 -27.28 -22.37 8.61
CA GLY A 944 -26.79 -21.58 9.72
C GLY A 944 -25.32 -21.23 9.68
N GLN A 945 -24.55 -22.06 8.99
CA GLN A 945 -23.09 -21.91 9.09
C GLN A 945 -22.42 -22.51 7.87
N PHE A 946 -21.24 -21.99 7.53
CA PHE A 946 -20.35 -22.61 6.55
C PHE A 946 -18.94 -22.56 7.09
N GLY A 947 -18.20 -23.66 6.90
CA GLY A 947 -16.81 -23.74 7.31
C GLY A 947 -16.52 -24.09 8.74
N GLY A 948 -17.51 -24.61 9.47
CA GLY A 948 -17.30 -25.05 10.83
C GLY A 948 -16.19 -26.08 10.97
N ASP A 949 -15.90 -26.80 9.89
CA ASP A 949 -14.85 -27.82 9.90
C ASP A 949 -13.52 -27.33 9.29
N HIS A 950 -13.42 -26.03 8.93
CA HIS A 950 -12.12 -25.49 8.47
C HIS A 950 -11.12 -25.41 9.65
N PRO A 951 -9.86 -25.78 9.47
CA PRO A 951 -8.85 -25.68 10.54
C PRO A 951 -8.69 -24.25 11.03
N SER A 952 -8.60 -24.06 12.35
CA SER A 952 -8.41 -22.75 12.93
C SER A 952 -6.91 -22.62 13.20
N ALA A 953 -6.20 -21.99 12.24
CA ALA A 953 -4.77 -21.88 12.24
C ALA A 953 -4.21 -20.97 13.33
N ARG A 954 -2.96 -21.25 13.67
CA ARG A 954 -2.17 -20.41 14.56
C ARG A 954 -2.28 -18.92 14.23
N GLU A 955 -2.31 -18.07 15.25
CA GLU A 955 -2.67 -16.65 15.09
C GLU A 955 -1.66 -15.86 14.23
N ASP A 956 -0.41 -16.31 14.11
CA ASP A 956 0.52 -15.55 13.26
C ASP A 956 0.45 -15.95 11.78
N LEU A 957 -0.39 -16.91 11.44
CA LEU A 957 -0.52 -17.36 10.05
C LEU A 957 -1.76 -16.77 9.38
N ASP A 958 -1.62 -16.32 8.13
CA ASP A 958 -2.78 -15.85 7.37
C ASP A 958 -2.84 -16.52 5.99
N VAL A 959 -4.06 -16.73 5.50
CA VAL A 959 -4.29 -17.09 4.09
C VAL A 959 -4.53 -15.77 3.39
N SER A 960 -3.46 -15.17 2.91
CA SER A 960 -3.55 -13.80 2.40
C SER A 960 -4.40 -13.74 1.15
N VAL A 961 -4.27 -14.80 0.36
CA VAL A 961 -4.99 -14.93 -0.92
C VAL A 961 -5.50 -16.38 -1.06
N MET A 962 -6.77 -16.52 -1.45
CA MET A 962 -7.36 -17.74 -1.96
C MET A 962 -7.98 -17.40 -3.29
N ARG A 963 -7.54 -18.07 -4.35
CA ARG A 963 -7.97 -17.74 -5.70
C ARG A 963 -8.10 -18.99 -6.56
N ARG A 964 -9.31 -19.27 -7.02
CA ARG A 964 -9.49 -20.32 -8.02
C ARG A 964 -8.85 -19.83 -9.35
N LEU A 965 -8.07 -20.71 -9.96
CA LEU A 965 -7.22 -20.30 -11.08
C LEU A 965 -7.74 -20.83 -12.41
N THR A 966 -8.75 -21.70 -12.35
CA THR A 966 -9.34 -22.30 -13.55
C THR A 966 -10.80 -21.94 -13.69
N LYS A 967 -11.26 -21.86 -14.95
CA LYS A 967 -12.66 -21.71 -15.27
C LYS A 967 -13.35 -23.08 -15.26
N SER A 968 -14.67 -23.07 -15.36
CA SER A 968 -15.44 -24.29 -15.10
C SER A 968 -15.20 -25.37 -16.16
N SER A 969 -14.74 -24.99 -17.35
CA SER A 969 -14.49 -25.98 -18.42
C SER A 969 -13.24 -26.83 -18.20
N ALA A 970 -12.35 -26.43 -17.29
CA ALA A 970 -11.16 -27.24 -16.99
C ALA A 970 -11.48 -28.54 -16.26
N LYS A 971 -11.01 -29.64 -16.83
CA LYS A 971 -11.14 -30.95 -16.22
C LYS A 971 -10.45 -30.99 -14.85
N THR A 972 -9.26 -30.41 -14.76
CA THR A 972 -8.53 -30.38 -13.51
C THR A 972 -8.66 -28.96 -12.96
N GLN A 973 -9.40 -28.82 -11.87
CA GLN A 973 -9.55 -27.51 -11.21
C GLN A 973 -8.31 -27.19 -10.42
N ARG A 974 -7.94 -25.91 -10.35
CA ARG A 974 -6.80 -25.49 -9.57
C ARG A 974 -7.15 -24.27 -8.72
N VAL A 975 -6.68 -24.31 -7.48
CA VAL A 975 -6.93 -23.24 -6.52
C VAL A 975 -5.60 -22.84 -5.92
N GLY A 976 -5.33 -21.54 -5.99
CA GLY A 976 -4.08 -21.00 -5.45
C GLY A 976 -4.22 -20.35 -4.09
N TYR A 977 -3.22 -20.53 -3.24
CA TYR A 977 -3.22 -19.90 -1.91
C TYR A 977 -1.94 -19.15 -1.69
N VAL A 978 -2.01 -17.93 -1.14
CA VAL A 978 -0.80 -17.29 -0.65
C VAL A 978 -0.87 -17.33 0.89
N LEU A 979 0.14 -17.94 1.52
CA LEU A 979 0.23 -18.06 2.99
C LEU A 979 1.33 -17.16 3.53
N HIS A 980 0.98 -16.34 4.50
CA HIS A 980 1.95 -15.43 5.11
C HIS A 980 1.99 -15.69 6.60
N ARG A 981 3.19 -15.87 7.15
CA ARG A 981 3.32 -15.97 8.60
C ARG A 981 4.10 -14.77 9.06
N THR A 982 3.52 -14.02 10.00
CA THR A 982 4.24 -12.89 10.57
C THR A 982 5.12 -13.39 11.73
N ASN A 983 5.70 -12.47 12.50
CA ASN A 983 6.44 -12.84 13.70
C ASN A 983 5.98 -11.98 14.87
N LEU A 984 5.47 -12.65 15.90
CA LEU A 984 4.93 -12.00 17.10
C LEU A 984 5.87 -12.23 18.27
N MET A 985 6.01 -11.20 19.09
CA MET A 985 6.92 -11.29 20.25
C MET A 985 6.44 -12.37 21.21
N GLN A 986 7.40 -13.10 21.80
CA GLN A 986 7.14 -14.03 22.89
C GLN A 986 7.12 -13.21 24.19
N CYS A 987 5.96 -13.15 24.84
CA CYS A 987 5.80 -12.34 26.04
C CYS A 987 5.26 -13.15 27.22
N GLY A 988 5.22 -14.47 27.05
CA GLY A 988 4.92 -15.38 28.14
C GLY A 988 3.48 -15.76 28.22
N THR A 989 2.72 -15.40 27.19
CA THR A 989 1.32 -15.84 27.03
C THR A 989 1.27 -17.04 26.10
N PRO A 990 1.33 -18.28 26.62
CA PRO A 990 1.26 -19.43 25.70
C PRO A 990 0.27 -19.11 24.56
N GLU A 991 -1.03 -19.10 24.84
CA GLU A 991 -2.06 -19.25 23.78
C GLU A 991 -1.65 -20.43 22.92
N GLU A 992 -2.17 -21.61 23.21
CA GLU A 992 -1.54 -22.79 22.65
C GLU A 992 -2.51 -23.60 21.82
N HIS A 993 -2.22 -24.91 21.72
CA HIS A 993 -3.06 -25.89 21.05
C HIS A 993 -3.84 -25.33 19.82
N THR A 994 -3.19 -25.30 18.65
CA THR A 994 -3.99 -25.05 17.43
C THR A 994 -3.83 -26.10 16.35
N GLN A 995 -4.74 -26.07 15.37
CA GLN A 995 -4.68 -27.02 14.30
C GLN A 995 -3.77 -26.59 13.14
N LYS A 996 -3.06 -27.56 12.58
CA LYS A 996 -2.29 -27.34 11.35
C LYS A 996 -3.25 -26.99 10.20
N LEU A 997 -2.88 -25.95 9.42
CA LEU A 997 -3.65 -25.62 8.25
C LEU A 997 -2.93 -26.20 7.06
N ASP A 998 -3.58 -27.11 6.33
CA ASP A 998 -3.04 -27.60 5.08
C ASP A 998 -3.98 -27.11 3.98
N VAL A 999 -3.59 -26.03 3.30
CA VAL A 999 -4.47 -25.47 2.29
C VAL A 999 -4.82 -26.42 1.15
N CYS A 1000 -3.93 -27.39 0.87
CA CYS A 1000 -4.19 -28.30 -0.24
C CYS A 1000 -5.38 -29.24 0.02
N HIS A 1001 -5.78 -29.43 1.28
CA HIS A 1001 -6.98 -30.24 1.55
C HIS A 1001 -8.24 -29.41 1.92
N LEU A 1002 -8.22 -28.09 1.70
CA LEU A 1002 -9.43 -27.28 1.95
C LEU A 1002 -10.56 -27.63 0.98
N LEU A 1003 -10.22 -28.03 -0.23
CA LEU A 1003 -11.20 -28.48 -1.22
C LEU A 1003 -11.04 -29.99 -1.44
N PRO A 1004 -12.15 -30.71 -1.64
CA PRO A 1004 -12.10 -32.16 -1.71
C PRO A 1004 -11.51 -32.64 -3.03
N ASN A 1005 -11.22 -33.96 -3.07
CA ASN A 1005 -10.70 -34.65 -4.24
C ASN A 1005 -9.41 -34.04 -4.78
N VAL A 1006 -8.50 -33.73 -3.86
CA VAL A 1006 -7.22 -33.17 -4.26
C VAL A 1006 -6.42 -34.28 -4.96
N ALA A 1007 -5.80 -33.95 -6.08
CA ALA A 1007 -5.05 -34.90 -6.88
C ALA A 1007 -3.57 -34.51 -6.93
N ARG A 1008 -3.26 -33.25 -6.56
CA ARG A 1008 -1.88 -32.77 -6.60
C ARG A 1008 -1.77 -31.48 -5.79
N CYS A 1009 -0.60 -31.26 -5.20
CA CYS A 1009 -0.33 -30.04 -4.45
C CYS A 1009 1.10 -29.58 -4.78
N GLU A 1010 1.22 -28.33 -5.25
CA GLU A 1010 2.50 -27.80 -5.65
C GLU A 1010 2.80 -26.49 -4.91
N ARG A 1011 4.05 -26.32 -4.53
CA ARG A 1011 4.52 -25.00 -4.15
C ARG A 1011 4.82 -24.21 -5.42
N THR A 1012 4.45 -22.93 -5.48
CA THR A 1012 4.70 -22.10 -6.67
C THR A 1012 5.32 -20.77 -6.25
N THR A 1013 5.80 -20.02 -7.25
CA THR A 1013 6.07 -18.62 -7.07
C THR A 1013 4.83 -17.89 -6.57
N LEU A 1014 5.02 -16.72 -5.97
CA LEU A 1014 3.83 -16.07 -5.39
C LEU A 1014 2.77 -15.62 -6.38
N THR A 1015 3.15 -15.51 -7.66
CA THR A 1015 2.24 -15.19 -8.74
C THR A 1015 1.52 -16.45 -9.31
N PHE A 1016 1.82 -17.61 -8.75
CA PHE A 1016 1.26 -18.91 -9.19
C PHE A 1016 1.77 -19.35 -10.57
N LEU A 1017 2.73 -18.63 -11.14
CA LEU A 1017 3.10 -18.88 -12.56
C LEU A 1017 4.14 -19.94 -12.80
N GLN A 1018 4.84 -20.34 -11.76
CA GLN A 1018 5.87 -21.38 -11.88
C GLN A 1018 5.81 -22.37 -10.72
N ASN A 1019 5.80 -23.67 -11.06
CA ASN A 1019 5.82 -24.74 -10.06
C ASN A 1019 7.23 -24.96 -9.56
N LEU A 1020 7.39 -24.94 -8.26
CA LEU A 1020 8.70 -25.02 -7.64
C LEU A 1020 8.94 -26.36 -6.96
N GLU A 1021 7.86 -27.00 -6.50
CA GLU A 1021 7.98 -28.22 -5.69
C GLU A 1021 6.69 -29.00 -5.75
N HIS A 1022 6.81 -30.30 -6.08
CA HIS A 1022 5.66 -31.21 -6.07
C HIS A 1022 5.57 -31.85 -4.68
N LEU A 1023 4.43 -31.71 -4.01
CA LEU A 1023 4.42 -31.94 -2.56
C LEU A 1023 3.90 -33.33 -2.16
N ASP A 1024 4.71 -34.03 -1.36
CA ASP A 1024 4.41 -35.36 -0.81
C ASP A 1024 3.11 -35.40 -0.02
N GLY A 1025 2.29 -36.39 -0.37
CA GLY A 1025 1.05 -36.60 0.36
C GLY A 1025 0.04 -35.52 0.10
N MET A 1026 0.31 -34.68 -0.90
CA MET A 1026 -0.55 -33.57 -1.27
C MET A 1026 -0.77 -32.62 -0.10
N VAL A 1027 0.26 -32.44 0.73
CA VAL A 1027 0.15 -31.58 1.91
C VAL A 1027 1.00 -30.32 1.79
N ALA A 1028 0.36 -29.16 1.95
CA ALA A 1028 1.11 -27.90 1.99
C ALA A 1028 1.64 -27.73 3.41
N PRO A 1029 2.97 -27.66 3.56
CA PRO A 1029 3.58 -27.36 4.86
C PRO A 1029 3.28 -25.90 5.27
N GLU A 1030 3.21 -25.62 6.56
CA GLU A 1030 3.15 -24.23 7.00
C GLU A 1030 4.55 -23.56 6.86
N VAL A 1031 4.51 -22.24 6.76
CA VAL A 1031 5.70 -21.44 6.50
C VAL A 1031 6.30 -20.90 7.77
N CYS A 1032 7.57 -20.49 7.70
CA CYS A 1032 8.34 -19.98 8.83
C CYS A 1032 7.93 -18.52 9.13
N PRO A 1033 8.23 -18.01 10.34
CA PRO A 1033 7.98 -16.60 10.65
C PRO A 1033 8.67 -15.68 9.63
N MET A 1034 7.88 -14.70 9.21
CA MET A 1034 8.25 -13.69 8.24
C MET A 1034 8.38 -14.27 6.84
N GLU A 1035 7.96 -15.52 6.65
CA GLU A 1035 7.97 -16.05 5.29
C GLU A 1035 6.60 -16.00 4.63
N THR A 1036 6.60 -16.04 3.31
CA THR A 1036 5.37 -16.08 2.53
C THR A 1036 5.56 -17.12 1.48
N ALA A 1037 4.59 -18.05 1.34
CA ALA A 1037 4.68 -19.09 0.31
C ALA A 1037 3.41 -19.15 -0.48
N ALA A 1038 3.49 -19.75 -1.66
CA ALA A 1038 2.28 -19.98 -2.42
C ALA A 1038 2.11 -21.46 -2.77
N TYR A 1039 0.87 -21.91 -2.76
CA TYR A 1039 0.58 -23.31 -3.10
C TYR A 1039 -0.60 -23.34 -4.05
N VAL A 1040 -0.64 -24.34 -4.93
CA VAL A 1040 -1.77 -24.55 -5.82
C VAL A 1040 -2.19 -26.00 -5.60
N SER A 1041 -3.47 -26.20 -5.24
CA SER A 1041 -4.03 -27.54 -5.20
C SER A 1041 -4.80 -27.87 -6.48
N SER A 1042 -4.65 -29.09 -6.99
CA SER A 1042 -5.38 -29.51 -8.21
C SER A 1042 -6.42 -30.56 -7.85
N HIS A 1043 -7.59 -30.49 -8.48
CA HIS A 1043 -8.73 -31.32 -8.05
C HIS A 1043 -9.36 -31.99 -9.23
N SER A 1044 -9.55 -33.32 -9.08
CA SER A 1044 -10.01 -34.13 -10.19
C SER A 1044 -11.52 -34.11 -10.17
N SER A 1045 -12.05 -33.52 -9.10
CA SER A 1045 -13.43 -33.59 -8.62
C SER A 1045 -14.24 -34.81 -9.09
C1 NAG B . 6.81 -20.48 -24.45
C2 NAG B . 6.84 -21.23 -25.78
C3 NAG B . 7.67 -22.51 -25.65
C4 NAG B . 9.09 -22.19 -25.18
C5 NAG B . 9.02 -21.32 -23.89
C6 NAG B . 10.38 -20.75 -23.45
C7 NAG B . 5.07 -21.12 -27.43
C8 NAG B . 6.07 -20.80 -28.53
N2 NAG B . 5.51 -21.57 -26.25
O3 NAG B . 7.71 -23.19 -26.90
O4 NAG B . 9.75 -23.43 -25.00
O5 NAG B . 8.15 -20.19 -24.08
O6 NAG B . 11.36 -21.76 -23.39
O7 NAG B . 3.86 -20.95 -27.63
P PO4 C . -11.71 -6.55 18.51
O1 PO4 C . -12.49 -7.85 18.38
O2 PO4 C . -12.50 -5.59 19.38
O3 PO4 C . -10.34 -6.75 19.14
O4 PO4 C . -11.63 -5.90 17.15
ZN ZN D . 6.18 8.18 -13.15
C1 MRD E . 18.79 20.19 -9.25
C2 MRD E . 20.28 19.86 -9.18
O2 MRD E . 20.94 20.83 -8.39
CM MRD E . 20.43 18.50 -8.53
C3 MRD E . 20.96 19.90 -10.56
C4 MRD E . 20.32 19.01 -11.61
O4 MRD E . 21.30 18.56 -12.57
C5 MRD E . 19.10 19.68 -12.28
C11 GB7 F . 7.78 15.20 -16.19
C12 GB7 F . 7.03 16.30 -16.48
C13 GB7 F . 7.06 17.51 -15.79
C14 GB7 F . 8.06 17.58 -14.82
C15 GB7 F . 8.87 16.49 -14.50
C10 GB7 F . 8.76 15.30 -15.21
C8 GB7 F . 9.61 14.07 -14.95
C9 GB7 F . 10.33 13.84 -16.27
O9 GB7 F . 11.25 12.76 -16.21
N7 GB7 F . 8.79 12.90 -14.59
C6 GB7 F . 7.97 13.14 -13.37
C5 GB7 F . 7.32 11.87 -12.78
N1 GB7 F . 6.66 12.26 -11.51
C1 GB7 F . 7.41 12.97 -10.46
C2 GB7 F . 5.42 11.80 -11.36
O2 GB7 F . 4.71 11.96 -10.38
C3 GB7 F . 5.07 10.92 -12.56
O3 GB7 F . 4.83 9.59 -12.16
C4 GB7 F . 6.19 11.23 -13.57
O4 GB7 F . 6.55 10.13 -14.37
#